data_8FYN
#
_entry.id   8FYN
#
_cell.length_a   39.080
_cell.length_b   177.510
_cell.length_c   139.290
_cell.angle_alpha   90.000
_cell.angle_beta   90.000
_cell.angle_gamma   90.000
#
_symmetry.space_group_name_H-M   'C 2 2 21'
#
loop_
_entity.id
_entity.type
_entity.pdbx_description
1 polymer 'Adenosine receptor A2a,Soluble cytochrome b562'
2 non-polymer 4-{2-[(7-amino-2-furan-2-yl[1,2,4]triazolo[1,5-a][1,3,5]triazin-5-yl)amino]ethyl}phenol
3 non-polymer CHOLESTEROL
4 non-polymer 'OLEIC ACID'
5 non-polymer '(2R)-2,3-dihydroxypropyl (9Z)-octadec-9-enoate'
6 non-polymer '(2S)-2,3-dihydroxypropyl (9Z)-octadec-9-enoate'
7 non-polymer 'SODIUM ION'
8 water water
#
_entity_poly.entity_id   1
_entity_poly.type   'polypeptide(L)'
_entity_poly.pdbx_seq_one_letter_code
;MKTIIALSYIFCLVFADYKDDDDGAPPIMGSSVYITVELAIAVLAILGNVLVCWAVWLNSNLQNVTNYFVVSLAAADIAV
GVLAIPFAITISTGFCAACHGCLFIACFVLVLTQSSIFSLLAIAIDRYIAIRIPLRYNGLVTGTRAKGIIAICWVLSFAI
GLTPMLGWNNCGQPKEGKNHSQGCGEGQVACLFEDVVPMNYMVYFNFFACVLVPLLLMLGVYLRIFLAARRQLADLEDNW
ETLNDNLKVIEKADNAAQVKDALTKMRAAALDAQKATPPKLEDKSPDSPEMKDFRHGFDILVGQIDDALKLANEGKVKEA
QAAAEQLKTTRNAYIQKYLERARSTLQKEVHAAKSLAIIVGLFALCWLPLHIINCFTFFCPDCSHAPLWLMYLAIVLSHT
NSVVNPFIYAYRIREFRQTFRKIIRSHVLRQQEPFKAHHHHHHHHHH
;
_entity_poly.pdbx_strand_id   A
#
loop_
_chem_comp.id
_chem_comp.type
_chem_comp.name
_chem_comp.formula
CLR non-polymer CHOLESTEROL 'C27 H46 O'
NA non-polymer 'SODIUM ION' 'Na 1'
OLA non-polymer 'OLEIC ACID' 'C18 H34 O2'
OLB non-polymer '(2S)-2,3-dihydroxypropyl (9Z)-octadec-9-enoate' 'C21 H40 O4'
OLC non-polymer '(2R)-2,3-dihydroxypropyl (9Z)-octadec-9-enoate' 'C21 H40 O4'
ZMA non-polymer 4-{2-[(7-amino-2-furan-2-yl[1,2,4]triazolo[1,5-a][1,3,5]triazin-5-yl)amino]ethyl}phenol 'C16 H15 N7 O2'
#
# COMPACT_ATOMS: atom_id res chain seq x y z
N GLY A 24 44.22 -10.53 6.71
CA GLY A 24 42.93 -10.52 6.04
C GLY A 24 42.35 -11.91 5.86
N ALA A 25 41.22 -12.16 6.50
CA ALA A 25 40.60 -13.47 6.42
C ALA A 25 40.32 -13.83 4.96
N PRO A 26 40.39 -15.12 4.61
CA PRO A 26 40.10 -15.53 3.23
C PRO A 26 38.74 -15.02 2.80
N PRO A 27 38.63 -14.42 1.61
CA PRO A 27 37.36 -13.80 1.22
C PRO A 27 36.23 -14.80 1.01
N ILE A 28 36.54 -16.05 0.65
CA ILE A 28 35.50 -17.02 0.41
C ILE A 28 34.74 -17.36 1.70
N MET A 29 35.37 -17.17 2.86
CA MET A 29 34.71 -17.50 4.12
C MET A 29 33.52 -16.57 4.36
N GLY A 30 33.77 -15.26 4.38
CA GLY A 30 32.67 -14.33 4.51
C GLY A 30 31.68 -14.45 3.37
N SER A 31 32.17 -14.73 2.16
CA SER A 31 31.28 -14.87 1.02
C SER A 31 30.43 -16.13 1.13
N SER A 32 30.95 -17.18 1.77
CA SER A 32 30.15 -18.38 1.96
C SER A 32 28.95 -18.08 2.86
N VAL A 33 29.14 -17.25 3.89
CA VAL A 33 28.01 -16.85 4.74
C VAL A 33 27.03 -16.01 3.96
N TYR A 34 27.54 -15.05 3.18
CA TYR A 34 26.67 -14.18 2.40
C TYR A 34 25.82 -14.97 1.42
N ILE A 35 26.46 -15.82 0.62
CA ILE A 35 25.73 -16.59 -0.39
C ILE A 35 24.72 -17.53 0.27
N THR A 36 25.13 -18.15 1.38
CA THR A 36 24.19 -19.02 2.11
C THR A 36 22.99 -18.23 2.60
N VAL A 37 23.24 -17.05 3.18
CA VAL A 37 22.13 -16.21 3.63
C VAL A 37 21.29 -15.77 2.43
N GLU A 38 21.95 -15.45 1.31
CA GLU A 38 21.21 -15.03 0.12
C GLU A 38 20.29 -16.13 -0.37
N LEU A 39 20.80 -17.36 -0.44
CA LEU A 39 19.98 -18.46 -0.92
C LEU A 39 18.81 -18.74 0.02
N ALA A 40 19.05 -18.64 1.33
CA ALA A 40 17.97 -18.85 2.29
C ALA A 40 16.84 -17.85 2.06
N ILE A 41 17.17 -16.58 1.87
CA ILE A 41 16.15 -15.56 1.63
C ILE A 41 15.41 -15.86 0.33
N ALA A 42 16.14 -16.28 -0.70
CA ALA A 42 15.51 -16.58 -1.98
C ALA A 42 14.42 -17.63 -1.81
N VAL A 43 14.72 -18.69 -1.08
CA VAL A 43 13.73 -19.75 -0.84
C VAL A 43 12.50 -19.16 -0.17
N LEU A 44 12.71 -18.35 0.88
CA LEU A 44 11.60 -17.82 1.65
C LEU A 44 10.80 -16.79 0.85
N ALA A 45 11.46 -16.04 -0.02
CA ALA A 45 10.75 -15.06 -0.84
C ALA A 45 9.90 -15.75 -1.89
N ILE A 46 10.45 -16.80 -2.53
CA ILE A 46 9.69 -17.53 -3.54
C ILE A 46 8.49 -18.23 -2.91
N LEU A 47 8.74 -19.00 -1.85
CA LEU A 47 7.67 -19.75 -1.20
C LEU A 47 6.57 -18.83 -0.71
N GLY A 48 6.94 -17.81 0.07
CA GLY A 48 5.93 -16.95 0.67
C GLY A 48 5.06 -16.25 -0.36
N ASN A 49 5.71 -15.67 -1.38
CA ASN A 49 4.97 -14.92 -2.38
C ASN A 49 4.26 -15.83 -3.39
N VAL A 50 4.82 -17.00 -3.66
CA VAL A 50 4.07 -18.00 -4.43
C VAL A 50 2.78 -18.35 -3.70
N LEU A 51 2.83 -18.39 -2.36
CA LEU A 51 1.62 -18.65 -1.59
C LEU A 51 0.63 -17.50 -1.68
N VAL A 52 1.13 -16.26 -1.78
CA VAL A 52 0.24 -15.12 -1.94
C VAL A 52 -0.47 -15.19 -3.28
N CYS A 53 0.27 -15.42 -4.36
CA CYS A 53 -0.34 -15.48 -5.68
C CYS A 53 -1.33 -16.64 -5.78
N TRP A 54 -1.00 -17.77 -5.15
CA TRP A 54 -1.89 -18.93 -5.21
C TRP A 54 -3.18 -18.67 -4.44
N ALA A 55 -3.11 -17.85 -3.39
CA ALA A 55 -4.32 -17.57 -2.61
C ALA A 55 -5.26 -16.63 -3.37
N VAL A 56 -4.70 -15.65 -4.09
CA VAL A 56 -5.53 -14.76 -4.89
C VAL A 56 -6.16 -15.52 -6.04
N TRP A 57 -5.36 -16.33 -6.75
CA TRP A 57 -5.91 -17.14 -7.84
C TRP A 57 -7.02 -18.05 -7.35
N LEU A 58 -6.90 -18.57 -6.13
CA LEU A 58 -7.82 -19.59 -5.64
C LEU A 58 -9.09 -18.97 -5.05
N ASN A 59 -8.93 -17.96 -4.19
CA ASN A 59 -10.05 -17.38 -3.47
C ASN A 59 -10.65 -16.23 -4.27
N SER A 60 -11.94 -16.31 -4.56
CA SER A 60 -12.61 -15.23 -5.27
C SER A 60 -12.76 -13.99 -4.39
N ASN A 61 -12.86 -14.19 -3.07
CA ASN A 61 -12.92 -13.04 -2.16
C ASN A 61 -11.64 -12.22 -2.22
N LEU A 62 -10.53 -12.82 -2.67
CA LEU A 62 -9.26 -12.11 -2.80
C LEU A 62 -9.01 -11.64 -4.22
N GLN A 63 -10.00 -11.71 -5.10
CA GLN A 63 -9.84 -11.33 -6.50
C GLN A 63 -10.46 -9.96 -6.75
N ASN A 64 -9.90 -8.95 -6.10
CA ASN A 64 -10.30 -7.56 -6.26
C ASN A 64 -9.14 -6.76 -6.82
N VAL A 65 -9.43 -5.50 -7.20
CA VAL A 65 -8.41 -4.69 -7.88
C VAL A 65 -7.22 -4.47 -6.97
N THR A 66 -7.46 -4.19 -5.68
CA THR A 66 -6.36 -4.01 -4.74
C THR A 66 -5.41 -5.20 -4.78
N ASN A 67 -5.97 -6.42 -4.78
CA ASN A 67 -5.14 -7.62 -4.72
C ASN A 67 -4.45 -7.91 -6.05
N TYR A 68 -4.89 -7.29 -7.15
CA TYR A 68 -4.15 -7.43 -8.40
C TYR A 68 -2.83 -6.67 -8.34
N PHE A 69 -2.77 -5.59 -7.55
CA PHE A 69 -1.50 -4.92 -7.29
C PHE A 69 -0.67 -5.70 -6.28
N VAL A 70 -1.32 -6.34 -5.31
CA VAL A 70 -0.60 -7.23 -4.41
C VAL A 70 0.04 -8.37 -5.20
N VAL A 71 -0.65 -8.85 -6.23
CA VAL A 71 -0.10 -9.93 -7.05
C VAL A 71 1.08 -9.42 -7.86
N SER A 72 1.00 -8.21 -8.39
CA SER A 72 2.13 -7.63 -9.10
C SER A 72 3.29 -7.38 -8.14
N LEU A 73 2.98 -6.97 -6.90
CA LEU A 73 4.01 -6.84 -5.89
C LEU A 73 4.54 -8.20 -5.46
N ALA A 74 3.68 -9.21 -5.42
CA ALA A 74 4.14 -10.57 -5.13
C ALA A 74 4.99 -11.11 -6.26
N ALA A 75 4.68 -10.75 -7.50
CA ALA A 75 5.49 -11.21 -8.64
C ALA A 75 6.89 -10.64 -8.57
N ALA A 76 7.03 -9.37 -8.16
CA ALA A 76 8.35 -8.76 -8.07
C ALA A 76 9.18 -9.39 -6.98
N ASP A 77 8.55 -9.85 -5.89
CA ASP A 77 9.30 -10.50 -4.82
C ASP A 77 9.73 -11.89 -5.24
N ILE A 78 8.89 -12.61 -5.99
CA ILE A 78 9.29 -13.91 -6.53
C ILE A 78 10.51 -13.74 -7.42
N ALA A 79 10.51 -12.70 -8.27
CA ALA A 79 11.63 -12.47 -9.17
C ALA A 79 12.88 -12.03 -8.44
N VAL A 80 12.75 -11.51 -7.22
CA VAL A 80 13.93 -11.14 -6.45
C VAL A 80 14.70 -12.38 -6.04
N GLY A 81 13.99 -13.46 -5.70
CA GLY A 81 14.66 -14.69 -5.32
C GLY A 81 15.08 -15.53 -6.52
N VAL A 82 14.33 -15.45 -7.62
CA VAL A 82 14.65 -16.26 -8.79
C VAL A 82 15.72 -15.60 -9.64
N LEU A 83 15.80 -14.27 -9.64
CA LEU A 83 16.70 -13.56 -10.54
C LEU A 83 17.62 -12.61 -9.80
N ALA A 84 17.04 -11.68 -9.02
CA ALA A 84 17.86 -10.62 -8.41
C ALA A 84 18.89 -11.19 -7.45
N ILE A 85 18.50 -12.13 -6.60
CA ILE A 85 19.41 -12.67 -5.59
C ILE A 85 20.49 -13.49 -6.29
N PRO A 86 20.13 -14.39 -7.21
CA PRO A 86 21.18 -15.04 -8.02
C PRO A 86 22.08 -14.04 -8.73
N PHE A 87 21.54 -12.90 -9.16
CA PHE A 87 22.38 -11.86 -9.73
C PHE A 87 23.25 -11.22 -8.66
N ALA A 88 22.71 -11.00 -7.47
CA ALA A 88 23.50 -10.42 -6.38
C ALA A 88 24.69 -11.30 -6.04
N ILE A 89 24.46 -12.61 -5.89
CA ILE A 89 25.56 -13.53 -5.62
C ILE A 89 26.61 -13.43 -6.72
N THR A 90 26.18 -13.30 -7.97
CA THR A 90 27.12 -13.23 -9.08
C THR A 90 28.01 -11.99 -8.97
N ILE A 91 27.38 -10.82 -8.83
CA ILE A 91 28.13 -9.57 -8.81
C ILE A 91 29.00 -9.43 -7.56
N SER A 92 28.76 -10.25 -6.53
CA SER A 92 29.59 -10.22 -5.34
C SER A 92 30.99 -10.76 -5.60
N THR A 93 31.16 -11.55 -6.66
CA THR A 93 32.46 -12.17 -6.95
C THR A 93 33.37 -11.27 -7.78
N GLY A 94 32.85 -10.18 -8.34
CA GLY A 94 33.67 -9.32 -9.18
C GLY A 94 34.14 -10.01 -10.45
N PHE A 95 33.40 -11.01 -10.92
CA PHE A 95 33.82 -11.76 -12.08
C PHE A 95 33.93 -10.87 -13.30
N CYS A 96 34.92 -11.15 -14.15
CA CYS A 96 35.06 -10.42 -15.41
C CYS A 96 33.81 -10.56 -16.25
N ALA A 97 33.36 -9.45 -16.83
CA ALA A 97 32.16 -9.48 -17.66
C ALA A 97 32.13 -8.24 -18.53
N ALA A 98 31.52 -8.37 -19.70
CA ALA A 98 31.24 -7.21 -20.53
C ALA A 98 30.45 -6.20 -19.72
N CYS A 99 30.97 -4.97 -19.62
CA CYS A 99 30.43 -4.00 -18.68
C CYS A 99 28.93 -3.84 -18.85
N HIS A 100 28.43 -3.85 -20.08
CA HIS A 100 27.01 -3.62 -20.29
C HIS A 100 26.18 -4.84 -19.90
N GLY A 101 26.74 -6.05 -20.04
CA GLY A 101 26.10 -7.21 -19.44
C GLY A 101 26.19 -7.17 -17.92
N CYS A 102 27.32 -6.72 -17.39
CA CYS A 102 27.43 -6.49 -15.95
C CYS A 102 26.41 -5.48 -15.47
N LEU A 103 26.09 -4.48 -16.29
CA LEU A 103 25.11 -3.47 -15.89
C LEU A 103 23.74 -4.10 -15.66
N PHE A 104 23.32 -5.01 -16.56
CA PHE A 104 22.05 -5.68 -16.37
C PHE A 104 22.02 -6.50 -15.09
N ILE A 105 23.12 -7.20 -14.80
CA ILE A 105 23.21 -7.98 -13.57
C ILE A 105 23.05 -7.07 -12.37
N ALA A 106 23.60 -5.85 -12.43
CA ALA A 106 23.59 -4.97 -11.28
C ALA A 106 22.26 -4.23 -11.13
N CYS A 107 21.63 -3.88 -12.25
CA CYS A 107 20.48 -2.98 -12.23
C CYS A 107 19.13 -3.68 -12.31
N PHE A 108 19.10 -4.98 -12.61
CA PHE A 108 17.80 -5.64 -12.75
C PHE A 108 17.00 -5.57 -11.45
N VAL A 109 17.67 -5.63 -10.31
CA VAL A 109 16.94 -5.52 -9.04
C VAL A 109 16.32 -4.14 -8.90
N LEU A 110 16.97 -3.11 -9.43
CA LEU A 110 16.37 -1.78 -9.43
C LEU A 110 15.08 -1.75 -10.22
N VAL A 111 14.91 -2.66 -11.19
CA VAL A 111 13.63 -2.77 -11.88
C VAL A 111 12.57 -3.36 -10.96
N LEU A 112 12.91 -4.44 -10.27
CA LEU A 112 11.94 -5.09 -9.39
C LEU A 112 11.53 -4.16 -8.25
N THR A 113 12.49 -3.46 -7.65
CA THR A 113 12.14 -2.54 -6.57
C THR A 113 11.33 -1.36 -7.10
N GLN A 114 11.58 -0.94 -8.35
CA GLN A 114 10.80 0.16 -8.90
C GLN A 114 9.36 -0.26 -9.18
N SER A 115 9.17 -1.50 -9.64
CA SER A 115 7.81 -2.02 -9.81
C SER A 115 7.12 -2.16 -8.47
N SER A 116 7.83 -2.65 -7.45
CA SER A 116 7.27 -2.74 -6.12
C SER A 116 6.77 -1.38 -5.65
N ILE A 117 7.49 -0.31 -5.98
CA ILE A 117 7.09 1.02 -5.56
C ILE A 117 5.83 1.47 -6.30
N PHE A 118 5.77 1.22 -7.61
CA PHE A 118 4.56 1.53 -8.36
C PHE A 118 3.37 0.72 -7.83
N SER A 119 3.60 -0.55 -7.50
CA SER A 119 2.52 -1.37 -6.97
C SER A 119 2.06 -0.84 -5.62
N LEU A 120 2.99 -0.53 -4.72
CA LEU A 120 2.63 0.04 -3.44
C LEU A 120 1.89 1.36 -3.62
N LEU A 121 2.44 2.25 -4.45
CA LEU A 121 1.78 3.53 -4.71
C LEU A 121 0.39 3.32 -5.27
N ALA A 122 0.24 2.36 -6.18
CA ALA A 122 -1.08 2.09 -6.76
C ALA A 122 -2.06 1.61 -5.70
N ILE A 123 -1.58 0.77 -4.77
CA ILE A 123 -2.46 0.30 -3.70
C ILE A 123 -2.91 1.47 -2.84
N ALA A 124 -1.97 2.35 -2.47
CA ALA A 124 -2.33 3.52 -1.67
C ALA A 124 -3.42 4.34 -2.36
N ILE A 125 -3.24 4.63 -3.66
CA ILE A 125 -4.25 5.38 -4.38
C ILE A 125 -5.55 4.59 -4.50
N ASP A 126 -5.44 3.25 -4.59
CA ASP A 126 -6.63 2.42 -4.69
C ASP A 126 -7.52 2.58 -3.46
N ARG A 127 -6.92 2.49 -2.26
CA ARG A 127 -7.72 2.61 -1.05
C ARG A 127 -8.23 4.04 -0.86
N TYR A 128 -7.45 5.04 -1.27
CA TYR A 128 -7.91 6.42 -1.14
C TYR A 128 -9.13 6.69 -2.03
N ILE A 129 -9.13 6.14 -3.24
CA ILE A 129 -10.33 6.23 -4.07
C ILE A 129 -11.48 5.47 -3.42
N ALA A 130 -11.17 4.40 -2.69
CA ALA A 130 -12.21 3.60 -2.05
C ALA A 130 -12.82 4.34 -0.87
N ILE A 131 -12.03 5.13 -0.14
CA ILE A 131 -12.56 5.81 1.04
C ILE A 131 -13.23 7.12 0.66
N ARG A 132 -12.76 7.79 -0.40
CA ARG A 132 -13.35 9.08 -0.76
C ARG A 132 -14.65 8.89 -1.55
N ILE A 133 -14.60 8.12 -2.63
CA ILE A 133 -15.74 7.96 -3.52
C ILE A 133 -16.08 6.48 -3.64
N PRO A 134 -16.51 5.82 -2.56
CA PRO A 134 -16.90 4.41 -2.68
C PRO A 134 -18.02 4.17 -3.67
N LEU A 135 -18.95 5.11 -3.82
CA LEU A 135 -20.06 4.93 -4.72
C LEU A 135 -19.61 4.88 -6.19
N ARG A 136 -18.53 5.59 -6.51
CA ARG A 136 -18.00 5.63 -7.87
C ARG A 136 -16.72 4.82 -8.02
N TYR A 137 -16.36 4.02 -7.01
CA TYR A 137 -15.12 3.27 -7.07
C TYR A 137 -15.21 2.12 -8.07
N ASN A 138 -16.30 1.35 -8.01
CA ASN A 138 -16.42 0.19 -8.89
C ASN A 138 -16.47 0.59 -10.36
N GLY A 139 -16.97 1.77 -10.66
CA GLY A 139 -17.00 2.26 -12.03
C GLY A 139 -15.71 2.93 -12.49
N LEU A 140 -14.84 3.29 -11.55
CA LEU A 140 -13.58 3.96 -11.86
C LEU A 140 -12.39 3.01 -11.82
N VAL A 141 -12.26 2.23 -10.75
CA VAL A 141 -11.13 1.33 -10.58
C VAL A 141 -11.55 -0.09 -10.98
N THR A 142 -11.51 -0.38 -12.27
CA THR A 142 -11.89 -1.68 -12.78
C THR A 142 -10.66 -2.59 -12.91
N GLY A 143 -10.93 -3.90 -13.01
CA GLY A 143 -9.85 -4.84 -13.21
C GLY A 143 -9.12 -4.63 -14.52
N THR A 144 -9.87 -4.31 -15.59
CA THR A 144 -9.25 -4.06 -16.88
C THR A 144 -8.28 -2.89 -16.81
N ARG A 145 -8.64 -1.84 -16.07
CA ARG A 145 -7.77 -0.68 -15.96
C ARG A 145 -6.58 -0.96 -15.06
N ALA A 146 -6.77 -1.75 -14.00
CA ALA A 146 -5.65 -2.12 -13.13
C ALA A 146 -4.59 -2.88 -13.91
N LYS A 147 -5.00 -3.83 -14.75
CA LYS A 147 -4.04 -4.57 -15.55
C LYS A 147 -3.27 -3.65 -16.49
N GLY A 148 -3.97 -2.67 -17.08
CA GLY A 148 -3.29 -1.71 -17.93
C GLY A 148 -2.28 -0.88 -17.16
N ILE A 149 -2.63 -0.47 -15.95
CA ILE A 149 -1.70 0.29 -15.12
C ILE A 149 -0.51 -0.57 -14.75
N ILE A 150 -0.75 -1.83 -14.36
CA ILE A 150 0.34 -2.71 -14.00
C ILE A 150 1.29 -2.91 -15.18
N ALA A 151 0.73 -3.08 -16.39
CA ALA A 151 1.56 -3.25 -17.57
C ALA A 151 2.40 -2.00 -17.84
N ILE A 152 1.80 -0.82 -17.70
CA ILE A 152 2.54 0.42 -17.90
C ILE A 152 3.64 0.56 -16.85
N CYS A 153 3.30 0.29 -15.58
CA CYS A 153 4.26 0.49 -14.51
C CYS A 153 5.47 -0.42 -14.65
N TRP A 154 5.28 -1.62 -15.21
CA TRP A 154 6.43 -2.51 -15.41
C TRP A 154 7.34 -1.98 -16.52
N VAL A 155 6.76 -1.49 -17.61
CA VAL A 155 7.57 -0.90 -18.66
C VAL A 155 8.36 0.29 -18.12
N LEU A 156 7.69 1.16 -17.37
CA LEU A 156 8.38 2.28 -16.75
C LEU A 156 9.41 1.79 -15.73
N SER A 157 9.13 0.69 -15.05
CA SER A 157 10.10 0.16 -14.09
C SER A 157 11.35 -0.35 -14.80
N PHE A 158 11.17 -1.03 -15.94
CA PHE A 158 12.33 -1.50 -16.70
C PHE A 158 13.14 -0.33 -17.23
N ALA A 159 12.46 0.74 -17.64
CA ALA A 159 13.17 1.91 -18.16
C ALA A 159 13.92 2.63 -17.05
N ILE A 160 13.25 2.88 -15.92
CA ILE A 160 13.90 3.54 -14.79
C ILE A 160 15.05 2.69 -14.28
N GLY A 161 14.77 1.41 -13.98
CA GLY A 161 15.80 0.54 -13.44
C GLY A 161 16.98 0.37 -14.36
N LEU A 162 16.72 0.23 -15.66
CA LEU A 162 17.77 0.00 -16.65
C LEU A 162 18.24 1.29 -17.31
N THR A 163 18.02 2.43 -16.68
CA THR A 163 18.53 3.69 -17.22
C THR A 163 20.05 3.69 -17.33
N PRO A 164 20.82 3.13 -16.39
CA PRO A 164 22.28 3.09 -16.58
C PRO A 164 22.70 2.38 -17.85
N MET A 165 21.88 1.46 -18.35
CA MET A 165 22.20 0.79 -19.62
C MET A 165 22.10 1.75 -20.80
N LEU A 166 21.28 2.79 -20.67
CA LEU A 166 21.12 3.76 -21.74
C LEU A 166 22.30 4.72 -21.86
N GLY A 167 23.28 4.61 -20.97
CA GLY A 167 24.47 5.45 -21.07
C GLY A 167 24.97 5.99 -19.75
N TRP A 168 24.06 6.12 -18.78
CA TRP A 168 24.40 6.67 -17.46
C TRP A 168 25.13 5.60 -16.64
N ASN A 169 26.36 5.31 -17.07
CA ASN A 169 27.17 4.28 -16.44
C ASN A 169 28.63 4.67 -16.52
N ASN A 170 29.46 3.93 -15.80
CA ASN A 170 30.91 4.14 -15.79
C ASN A 170 31.64 3.11 -16.62
N CYS A 171 31.03 2.61 -17.70
CA CYS A 171 31.69 1.67 -18.57
C CYS A 171 32.77 2.35 -19.41
N GLY A 172 32.51 3.59 -19.84
CA GLY A 172 33.51 4.37 -20.52
C GLY A 172 34.68 4.80 -19.64
N GLN A 173 34.57 4.64 -18.32
CA GLN A 173 35.62 4.97 -17.38
C GLN A 173 35.95 3.74 -16.54
N PRO A 174 36.57 2.72 -17.14
CA PRO A 174 36.82 1.47 -16.42
C PRO A 174 37.95 1.61 -15.41
N LYS A 175 37.86 0.80 -14.37
CA LYS A 175 38.94 0.68 -13.37
C LYS A 175 39.98 -0.29 -13.91
N GLU A 176 40.83 0.23 -14.80
CA GLU A 176 41.79 -0.62 -15.49
C GLU A 176 42.80 -1.26 -14.53
N GLY A 177 42.99 -0.67 -13.35
CA GLY A 177 43.85 -1.31 -12.36
C GLY A 177 43.24 -2.58 -11.81
N LYS A 178 41.93 -2.57 -11.59
CA LYS A 178 41.22 -3.77 -11.15
C LYS A 178 41.02 -4.73 -12.32
N ASN A 179 40.69 -4.21 -13.50
CA ASN A 179 40.49 -5.07 -14.66
C ASN A 179 41.75 -5.88 -14.97
N HIS A 180 42.92 -5.23 -14.93
CA HIS A 180 44.16 -5.94 -15.21
C HIS A 180 44.50 -6.93 -14.10
N SER A 181 44.04 -6.67 -12.87
CA SER A 181 44.33 -7.58 -11.77
C SER A 181 43.74 -8.97 -12.03
N GLN A 182 42.43 -9.03 -12.28
CA GLN A 182 41.76 -10.29 -12.57
C GLN A 182 41.69 -10.72 -14.04
N GLY A 183 42.59 -10.22 -14.88
CA GLY A 183 42.73 -10.70 -16.24
C GLY A 183 41.47 -10.67 -17.06
N CYS A 184 40.73 -9.56 -17.02
CA CYS A 184 39.55 -9.41 -17.84
C CYS A 184 39.95 -8.99 -19.26
N GLY A 185 39.30 -9.59 -20.24
CA GLY A 185 39.64 -9.35 -21.63
C GLY A 185 39.26 -7.96 -22.08
N GLU A 186 39.35 -7.76 -23.39
CA GLU A 186 39.02 -6.47 -23.99
C GLU A 186 37.53 -6.19 -23.81
N GLY A 187 37.21 -4.97 -23.37
CA GLY A 187 35.83 -4.58 -23.15
C GLY A 187 35.17 -5.20 -21.95
N GLN A 188 35.95 -5.83 -21.06
CA GLN A 188 35.43 -6.45 -19.85
C GLN A 188 35.86 -5.67 -18.62
N VAL A 189 35.07 -5.81 -17.56
CA VAL A 189 35.33 -5.14 -16.30
C VAL A 189 35.05 -6.11 -15.16
N ALA A 190 35.85 -6.00 -14.10
CA ALA A 190 35.54 -6.73 -12.86
C ALA A 190 34.16 -6.32 -12.39
N CYS A 191 33.16 -7.19 -12.61
CA CYS A 191 31.77 -6.79 -12.40
C CYS A 191 31.49 -6.52 -10.93
N LEU A 192 31.60 -5.26 -10.52
CA LEU A 192 31.28 -4.82 -9.17
C LEU A 192 30.29 -3.68 -9.26
N PHE A 193 29.34 -3.65 -8.31
CA PHE A 193 28.22 -2.73 -8.42
C PHE A 193 28.69 -1.28 -8.48
N GLU A 194 29.58 -0.89 -7.57
CA GLU A 194 29.99 0.51 -7.47
C GLU A 194 31.01 0.90 -8.53
N ASP A 195 31.57 -0.06 -9.27
CA ASP A 195 32.51 0.26 -10.34
C ASP A 195 31.82 0.56 -11.66
N VAL A 196 30.60 0.07 -11.87
CA VAL A 196 29.88 0.25 -13.13
C VAL A 196 28.68 1.16 -12.98
N VAL A 197 27.95 1.06 -11.87
CA VAL A 197 26.81 1.94 -11.64
C VAL A 197 27.29 3.24 -11.03
N PRO A 198 26.92 4.40 -11.58
CA PRO A 198 27.40 5.66 -11.02
C PRO A 198 26.56 6.07 -9.82
N MET A 199 27.25 6.51 -8.76
CA MET A 199 26.56 6.82 -7.52
C MET A 199 25.59 7.97 -7.68
N ASN A 200 25.89 8.93 -8.57
CA ASN A 200 24.97 10.05 -8.75
C ASN A 200 23.63 9.59 -9.31
N TYR A 201 23.62 8.52 -10.11
CA TYR A 201 22.36 7.92 -10.50
C TYR A 201 21.67 7.27 -9.29
N MET A 202 22.43 6.55 -8.47
CA MET A 202 21.83 5.84 -7.34
C MET A 202 21.18 6.80 -6.35
N VAL A 203 21.84 7.93 -6.08
CA VAL A 203 21.36 8.83 -5.04
C VAL A 203 20.28 9.75 -5.58
N TYR A 204 20.60 10.53 -6.60
CA TYR A 204 19.63 11.51 -7.12
C TYR A 204 18.49 10.82 -7.85
N PHE A 205 18.82 9.97 -8.83
CA PHE A 205 17.80 9.44 -9.72
C PHE A 205 17.04 8.29 -9.09
N ASN A 206 17.74 7.26 -8.62
CA ASN A 206 17.05 6.06 -8.14
C ASN A 206 16.49 6.25 -6.74
N PHE A 207 17.25 6.86 -5.84
CA PHE A 207 16.77 7.04 -4.46
C PHE A 207 15.86 8.25 -4.35
N PHE A 208 16.42 9.45 -4.51
CA PHE A 208 15.64 10.67 -4.30
C PHE A 208 14.41 10.71 -5.21
N ALA A 209 14.62 10.62 -6.52
CA ALA A 209 13.53 10.86 -7.46
C ALA A 209 12.59 9.66 -7.54
N CYS A 210 13.14 8.45 -7.67
CA CYS A 210 12.33 7.29 -8.01
C CYS A 210 11.88 6.46 -6.81
N VAL A 211 12.49 6.63 -5.64
CA VAL A 211 12.11 5.87 -4.46
C VAL A 211 11.61 6.79 -3.36
N LEU A 212 12.44 7.77 -2.98
CA LEU A 212 12.11 8.60 -1.83
C LEU A 212 10.87 9.45 -2.11
N VAL A 213 10.77 10.02 -3.29
CA VAL A 213 9.63 10.88 -3.64
C VAL A 213 8.36 10.06 -3.63
N PRO A 214 8.27 8.94 -4.37
CA PRO A 214 7.06 8.11 -4.27
C PRO A 214 6.74 7.66 -2.85
N LEU A 215 7.75 7.32 -2.06
CA LEU A 215 7.48 6.89 -0.69
C LEU A 215 6.81 7.99 0.11
N LEU A 216 7.32 9.22 -0.01
CA LEU A 216 6.67 10.35 0.65
C LEU A 216 5.26 10.56 0.12
N LEU A 217 5.07 10.36 -1.18
CA LEU A 217 3.72 10.44 -1.74
C LEU A 217 2.81 9.39 -1.13
N MET A 218 3.31 8.15 -1.01
CA MET A 218 2.54 7.11 -0.34
C MET A 218 2.17 7.54 1.08
N LEU A 219 3.15 8.04 1.83
CA LEU A 219 2.87 8.58 3.15
C LEU A 219 1.71 9.58 3.09
N GLY A 220 1.80 10.54 2.18
CA GLY A 220 0.73 11.51 2.04
C GLY A 220 -0.62 10.87 1.75
N VAL A 221 -0.63 9.88 0.86
CA VAL A 221 -1.90 9.24 0.49
C VAL A 221 -2.52 8.56 1.70
N TYR A 222 -1.72 7.80 2.45
CA TYR A 222 -2.26 7.09 3.61
C TYR A 222 -2.70 8.08 4.69
N LEU A 223 -1.96 9.18 4.87
CA LEU A 223 -2.42 10.22 5.78
C LEU A 223 -3.74 10.81 5.31
N ARG A 224 -4.00 10.79 3.99
CA ARG A 224 -5.29 11.24 3.49
C ARG A 224 -6.36 10.18 3.66
N ILE A 225 -5.99 8.90 3.66
CA ILE A 225 -6.95 7.84 3.91
C ILE A 225 -7.42 7.89 5.35
N PHE A 226 -6.48 7.97 6.30
CA PHE A 226 -6.86 8.03 7.71
C PHE A 226 -7.61 9.31 8.02
N LEU A 227 -7.25 10.42 7.36
CA LEU A 227 -7.99 11.66 7.54
C LEU A 227 -9.41 11.53 7.01
N ALA A 228 -9.55 10.97 5.81
CA ALA A 228 -10.88 10.78 5.23
C ALA A 228 -11.75 9.92 6.13
N ALA A 229 -11.19 8.82 6.63
CA ALA A 229 -11.97 7.93 7.49
C ALA A 229 -12.33 8.60 8.81
N ARG A 230 -11.34 9.24 9.44
CA ARG A 230 -11.62 9.93 10.71
C ARG A 230 -12.71 10.98 10.54
N ARG A 231 -12.68 11.71 9.42
CA ARG A 231 -13.70 12.74 9.20
C ARG A 231 -15.07 12.14 8.95
N GLN A 232 -15.14 10.91 8.45
CA GLN A 232 -16.41 10.29 8.11
C GLN A 232 -17.02 9.52 9.27
N LEU A 233 -16.20 8.99 10.18
CA LEU A 233 -16.70 8.17 11.28
C LEU A 233 -17.63 8.97 12.19
N ALA A 234 -16.10 11.45 12.01
CA ALA A 234 -16.84 12.41 12.82
C ALA A 234 -18.25 12.62 12.29
N ASP A 235 -18.40 12.61 10.96
CA ASP A 235 -19.69 12.90 10.35
C ASP A 235 -20.76 11.93 10.83
N LEU A 236 -20.48 10.63 10.78
CA LEU A 236 -21.47 9.65 11.20
C LEU A 236 -21.97 9.92 12.61
N GLU A 237 -21.03 10.12 13.55
CA GLU A 237 -21.43 10.39 14.94
C GLU A 237 -22.02 11.78 15.11
N ASP A 238 -21.67 12.73 14.23
CA ASP A 238 -22.28 14.05 14.31
C ASP A 238 -23.74 14.02 13.89
N ASN A 239 -24.06 13.24 12.86
CA ASN A 239 -25.46 13.13 12.42
C ASN A 239 -26.27 12.27 13.38
N TRP A 240 -25.64 11.29 14.03
CA TRP A 240 -26.37 10.48 15.02
C TRP A 240 -26.65 11.28 16.28
N GLU A 241 -25.67 12.05 16.75
CA GLU A 241 -25.90 12.90 17.91
C GLU A 241 -26.93 13.99 17.60
N THR A 242 -27.00 14.42 16.34
CA THR A 242 -28.00 15.41 15.95
C THR A 242 -29.41 14.81 16.01
N LEU A 243 -29.56 13.58 15.52
CA LEU A 243 -30.88 12.94 15.55
C LEU A 243 -31.40 12.82 16.98
N ASN A 244 -30.52 12.49 17.92
CA ASN A 244 -30.94 12.25 19.30
C ASN A 244 -30.96 13.53 20.13
N ASP A 245 -29.92 14.36 20.03
CA ASP A 245 -29.93 15.63 20.74
C ASP A 245 -31.18 16.43 20.41
N ASN A 246 -31.50 16.51 19.11
CA ASN A 246 -32.59 17.36 18.65
C ASN A 246 -33.95 16.72 18.89
N LEU A 247 -34.00 15.39 19.02
CA LEU A 247 -35.25 14.73 19.40
C LEU A 247 -35.66 15.13 20.82
N LYS A 248 -34.69 15.32 21.71
CA LYS A 248 -35.00 15.84 23.04
C LYS A 248 -35.53 17.26 22.96
N VAL A 249 -35.07 18.04 21.97
CA VAL A 249 -35.59 19.40 21.80
C VAL A 249 -37.08 19.36 21.51
N ILE A 250 -37.54 18.36 20.76
CA ILE A 250 -38.96 18.23 20.47
C ILE A 250 -39.72 17.73 21.69
N GLU A 251 -39.15 16.77 22.42
CA GLU A 251 -39.80 16.29 23.63
C GLU A 251 -40.02 17.42 24.63
N LYS A 252 -39.05 18.33 24.74
CA LYS A 252 -39.11 19.43 25.68
C LYS A 252 -39.54 20.74 25.03
N ALA A 253 -40.13 20.67 23.84
CA ALA A 253 -40.59 21.87 23.16
C ALA A 253 -41.80 22.45 23.87
N ASP A 254 -42.03 23.75 23.63
CA ASP A 254 -43.15 24.48 24.22
C ASP A 254 -44.18 24.91 23.19
N ASN A 255 -43.75 25.37 22.02
CA ASN A 255 -44.65 25.76 20.94
C ASN A 255 -44.31 24.97 19.69
N ALA A 256 -45.24 25.00 18.73
CA ALA A 256 -45.08 24.21 17.51
C ALA A 256 -43.95 24.75 16.63
N ALA A 257 -43.63 26.04 16.73
CA ALA A 257 -42.54 26.58 15.93
C ALA A 257 -41.18 26.07 16.41
N GLN A 258 -41.06 25.81 17.71
CA GLN A 258 -39.83 25.20 18.21
C GLN A 258 -39.74 23.74 17.75
N VAL A 259 -40.86 23.03 17.73
CA VAL A 259 -40.89 21.69 17.15
C VAL A 259 -40.59 21.76 15.66
N LYS A 260 -40.94 22.87 15.02
CA LYS A 260 -40.66 23.05 13.60
C LYS A 260 -39.18 23.37 13.37
N ASP A 261 -38.61 24.24 14.20
CA ASP A 261 -37.19 24.54 14.08
C ASP A 261 -36.32 23.32 14.32
N ALA A 262 -36.81 22.37 15.11
CA ALA A 262 -36.08 21.13 15.33
C ALA A 262 -36.31 20.14 14.20
N LEU A 263 -37.54 20.07 13.68
CA LEU A 263 -37.84 19.10 12.63
C LEU A 263 -37.18 19.46 11.32
N THR A 264 -36.91 20.74 11.08
CA THR A 264 -36.26 21.14 9.83
C THR A 264 -34.78 20.78 9.82
N LYS A 265 -34.18 20.47 10.97
CA LYS A 265 -32.78 20.12 11.03
C LYS A 265 -32.55 18.63 10.81
N MET A 266 -33.43 17.77 11.31
CA MET A 266 -33.29 16.34 11.10
C MET A 266 -33.59 15.97 9.65
N ARG A 267 -34.55 16.64 9.02
CA ARG A 267 -34.83 16.39 7.61
C ARG A 267 -33.64 16.77 6.74
N ALA A 268 -32.90 17.80 7.14
CA ALA A 268 -31.65 18.12 6.44
C ALA A 268 -30.57 17.11 6.77
N ALA A 269 -30.50 16.67 8.03
CA ALA A 269 -29.51 15.68 8.42
C ALA A 269 -29.87 14.29 7.92
N ALA A 270 -31.16 14.03 7.71
CA ALA A 270 -31.59 12.72 7.21
C ALA A 270 -31.35 12.60 5.72
N LEU A 271 -31.71 13.63 4.95
CA LEU A 271 -31.48 13.59 3.51
C LEU A 271 -30.00 13.54 3.17
N ASP A 272 -29.16 14.19 3.98
CA ASP A 272 -27.72 14.18 3.72
C ASP A 272 -27.09 12.86 4.13
N ALA A 273 -27.57 12.26 5.22
CA ALA A 273 -27.07 10.94 5.63
C ALA A 273 -27.54 9.84 4.70
N GLN A 274 -28.58 10.10 3.88
CA GLN A 274 -29.05 9.09 2.94
C GLN A 274 -28.06 8.86 1.80
N LYS A 275 -27.12 9.78 1.59
CA LYS A 275 -26.11 9.64 0.56
C LYS A 275 -25.00 8.69 0.98
N MET A 291 -28.72 -3.20 2.60
CA MET A 291 -28.82 -2.04 1.73
C MET A 291 -30.27 -1.77 1.35
N LYS A 292 -31.05 -2.84 1.23
CA LYS A 292 -32.45 -2.68 0.86
C LYS A 292 -33.26 -2.09 2.01
N ASP A 293 -33.03 -2.57 3.24
CA ASP A 293 -33.74 -2.02 4.40
C ASP A 293 -33.08 -0.85 5.13
N PHE A 294 -31.84 -0.51 4.82
CA PHE A 294 -31.30 0.78 5.23
C PHE A 294 -31.92 1.89 4.38
N ARG A 295 -32.01 1.67 3.08
CA ARG A 295 -32.76 2.57 2.21
C ARG A 295 -34.23 2.62 2.61
N HIS A 296 -34.75 1.53 3.16
CA HIS A 296 -36.15 1.50 3.60
C HIS A 296 -36.35 2.37 4.84
N GLY A 297 -35.48 2.21 5.84
CA GLY A 297 -35.64 2.96 7.08
C GLY A 297 -35.47 4.45 6.89
N PHE A 298 -34.67 4.86 5.90
CA PHE A 298 -34.50 6.29 5.67
C PHE A 298 -35.72 6.91 5.01
N ASP A 299 -36.47 6.13 4.23
CA ASP A 299 -37.74 6.62 3.71
C ASP A 299 -38.78 6.75 4.82
N ILE A 300 -38.74 5.85 5.81
CA ILE A 300 -39.64 5.96 6.94
C ILE A 300 -39.28 7.18 7.78
N LEU A 301 -37.99 7.40 8.03
CA LEU A 301 -37.56 8.50 8.89
C LEU A 301 -37.90 9.84 8.27
N VAL A 302 -37.45 10.08 7.04
CA VAL A 302 -37.79 11.33 6.35
C VAL A 302 -39.30 11.46 6.21
N GLY A 303 -39.98 10.34 5.98
CA GLY A 303 -41.43 10.38 5.90
C GLY A 303 -42.07 10.77 7.22
N GLN A 304 -41.54 10.23 8.33
CA GLN A 304 -42.08 10.58 9.64
C GLN A 304 -41.78 12.03 9.98
N ILE A 305 -40.59 12.51 9.63
CA ILE A 305 -40.26 13.91 9.85
C ILE A 305 -41.19 14.82 9.07
N ASP A 306 -41.61 14.38 7.87
CA ASP A 306 -42.52 15.20 7.07
C ASP A 306 -43.92 15.22 7.66
N ASP A 307 -44.32 14.17 8.37
CA ASP A 307 -45.63 14.16 9.01
C ASP A 307 -45.64 15.01 10.27
N ALA A 308 -44.58 14.94 11.07
CA ALA A 308 -44.48 15.80 12.24
C ALA A 308 -44.22 17.24 11.86
N LEU A 309 -43.53 17.46 10.74
CA LEU A 309 -43.27 18.83 10.28
C LEU A 309 -44.55 19.49 9.79
N LYS A 310 -45.43 18.72 9.15
CA LYS A 310 -46.72 19.27 8.73
C LYS A 310 -47.59 19.58 9.93
N LEU A 311 -47.62 18.69 10.93
CA LEU A 311 -48.37 18.96 12.15
C LEU A 311 -47.87 20.23 12.83
N ALA A 312 -46.55 20.41 12.87
CA ALA A 312 -46.00 21.62 13.48
C ALA A 312 -46.38 22.86 12.70
N ASN A 313 -46.52 22.74 11.38
CA ASN A 313 -46.94 23.90 10.58
C ASN A 313 -48.40 24.24 10.81
N GLU A 314 -49.22 23.26 11.18
CA GLU A 314 -50.62 23.49 11.49
C GLU A 314 -50.85 23.88 12.95
N GLY A 315 -49.79 24.22 13.68
CA GLY A 315 -49.92 24.61 15.07
C GLY A 315 -50.20 23.48 16.03
N LYS A 316 -50.01 22.23 15.61
CA LYS A 316 -50.23 21.07 16.48
C LYS A 316 -48.89 20.71 17.10
N VAL A 317 -48.62 21.28 18.28
CA VAL A 317 -47.34 21.05 18.94
C VAL A 317 -47.30 19.68 19.60
N LYS A 318 -48.38 19.30 20.28
CA LYS A 318 -48.37 18.02 20.98
C LYS A 318 -48.62 16.86 20.01
N GLU A 319 -49.46 17.08 19.00
CA GLU A 319 -49.63 16.07 17.96
C GLU A 319 -48.32 15.86 17.21
N ALA A 320 -47.57 16.93 16.97
CA ALA A 320 -46.27 16.80 16.33
C ALA A 320 -45.26 16.14 17.25
N GLN A 321 -45.40 16.32 18.57
CA GLN A 321 -44.48 15.68 19.51
C GLN A 321 -44.69 14.18 19.54
N ALA A 322 -45.95 13.74 19.62
CA ALA A 322 -46.24 12.32 19.57
C ALA A 322 -45.80 11.72 18.23
N ALA A 323 -46.08 12.42 17.13
CA ALA A 323 -45.61 11.97 15.83
C ALA A 323 -44.08 11.87 15.81
N ALA A 324 -43.40 12.81 16.45
CA ALA A 324 -41.95 12.78 16.50
C ALA A 324 -41.43 11.66 17.40
N GLU A 325 -42.23 11.19 18.36
CA GLU A 325 -41.82 10.07 19.19
C GLU A 325 -41.86 8.76 18.41
N GLN A 326 -42.61 8.69 17.32
CA GLN A 326 -42.59 7.51 16.46
C GLN A 326 -41.27 7.37 15.72
N LEU A 327 -40.50 8.44 15.63
CA LEU A 327 -39.19 8.37 14.97
C LEU A 327 -38.20 7.51 15.74
N LYS A 328 -38.47 7.26 17.02
CA LYS A 328 -37.57 6.41 17.80
C LYS A 328 -37.74 4.94 17.42
N THR A 329 -38.94 4.56 16.96
CA THR A 329 -39.12 3.22 16.43
C THR A 329 -38.26 3.02 15.18
N THR A 330 -38.30 3.98 14.27
CA THR A 330 -37.47 3.90 13.07
C THR A 330 -35.99 3.96 13.40
N ARG A 331 -35.61 4.71 14.43
CA ARG A 331 -34.22 4.82 14.82
C ARG A 331 -33.63 3.45 15.16
N ASN A 332 -34.23 2.78 16.15
CA ASN A 332 -33.68 1.51 16.60
C ASN A 332 -33.73 0.46 15.49
N ALA A 333 -34.88 0.33 14.83
CA ALA A 333 -35.08 -0.78 13.90
C ALA A 333 -34.28 -0.62 12.60
N TYR A 334 -33.86 0.59 12.26
CA TYR A 334 -33.20 0.81 10.98
C TYR A 334 -31.95 1.69 11.11
N ILE A 335 -32.13 2.90 11.64
CA ILE A 335 -31.03 3.87 11.63
C ILE A 335 -29.89 3.40 12.51
N GLN A 336 -30.22 2.82 13.67
CA GLN A 336 -29.17 2.29 14.54
C GLN A 336 -28.35 1.22 13.85
N LYS A 337 -28.97 0.45 12.94
CA LYS A 337 -28.27 -0.61 12.25
C LYS A 337 -27.38 -0.07 11.13
N TYR A 338 -27.80 1.00 10.47
CA TYR A 338 -26.98 1.59 9.41
C TYR A 338 -25.80 2.36 9.99
N LEU A 339 -26.02 3.05 11.10
CA LEU A 339 -25.02 3.91 11.74
C LEU A 339 -23.60 3.35 11.63
N GLU A 340 -24.53 0.61 12.80
CA GLU A 340 -23.23 0.01 13.07
C GLU A 340 -22.59 -0.57 11.80
N ARG A 341 -23.31 -0.47 10.67
CA ARG A 341 -22.78 -1.01 9.42
C ARG A 341 -21.82 -0.04 8.76
N ALA A 342 -22.16 1.25 8.71
CA ALA A 342 -21.26 2.23 8.13
C ALA A 342 -20.03 2.44 9.01
N ARG A 343 -20.19 2.37 10.33
CA ARG A 343 -19.04 2.48 11.22
C ARG A 343 -18.12 1.26 11.08
N SER A 344 -18.70 0.07 10.97
CA SER A 344 -17.89 -1.14 10.81
C SER A 344 -17.14 -1.13 9.48
N THR A 345 -17.79 -0.67 8.41
CA THR A 345 -17.12 -0.63 7.11
C THR A 345 -15.97 0.35 7.10
N LEU A 346 -16.10 1.47 7.82
CA LEU A 346 -15.04 2.47 7.85
C LEU A 346 -13.86 2.03 8.70
N GLN A 347 -14.13 1.46 9.87
CA GLN A 347 -13.05 0.94 10.71
C GLN A 347 -12.49 -0.37 10.19
N LYS A 348 -13.15 -1.00 9.22
CA LYS A 348 -12.51 -2.06 8.45
C LYS A 348 -11.51 -1.47 7.46
N GLU A 349 -11.87 -0.33 6.85
CA GLU A 349 -10.97 0.32 5.90
C GLU A 349 -9.75 0.91 6.61
N VAL A 350 -9.92 1.39 7.85
CA VAL A 350 -8.78 1.90 8.60
C VAL A 350 -7.81 0.77 8.93
N HIS A 351 -8.34 -0.37 9.37
CA HIS A 351 -7.49 -1.52 9.65
C HIS A 351 -6.75 -1.97 8.40
N ALA A 352 -7.47 -2.17 7.31
CA ALA A 352 -6.84 -2.59 6.07
C ALA A 352 -5.78 -1.58 5.63
N ALA A 353 -6.06 -0.30 5.80
CA ALA A 353 -5.10 0.73 5.42
C ALA A 353 -3.88 0.70 6.32
N LYS A 354 -4.07 0.43 7.61
CA LYS A 354 -2.93 0.29 8.52
C LYS A 354 -2.04 -0.86 8.07
N SER A 355 -2.63 -2.04 7.84
CA SER A 355 -1.85 -3.19 7.41
C SER A 355 -1.09 -2.88 6.12
N LEU A 356 -1.77 -2.30 5.14
CA LEU A 356 -1.10 -1.98 3.88
C LEU A 356 -0.03 -0.90 4.07
N ALA A 357 -0.24 0.01 5.01
CA ALA A 357 0.81 0.98 5.32
C ALA A 357 2.01 0.32 5.98
N ILE A 358 1.77 -0.74 6.77
CA ILE A 358 2.89 -1.46 7.38
C ILE A 358 3.77 -2.07 6.31
N ILE A 359 3.18 -2.46 5.17
CA ILE A 359 3.98 -2.98 4.07
C ILE A 359 4.92 -1.91 3.55
N VAL A 360 4.40 -0.69 3.36
CA VAL A 360 5.23 0.40 2.83
C VAL A 360 6.32 0.76 3.83
N GLY A 361 5.99 0.75 5.12
CA GLY A 361 7.01 1.05 6.12
C GLY A 361 8.11 0.02 6.14
N LEU A 362 7.76 -1.27 6.06
CA LEU A 362 8.76 -2.32 6.05
C LEU A 362 9.61 -2.25 4.79
N PHE A 363 9.00 -1.88 3.65
CA PHE A 363 9.77 -1.66 2.44
C PHE A 363 10.82 -0.58 2.65
N ALA A 364 10.40 0.57 3.18
CA ALA A 364 11.34 1.64 3.48
C ALA A 364 12.38 1.18 4.49
N LEU A 365 11.93 0.52 5.56
CA LEU A 365 12.84 0.05 6.59
C LEU A 365 13.94 -0.83 6.01
N CYS A 366 13.59 -1.72 5.09
CA CYS A 366 14.55 -2.67 4.54
C CYS A 366 15.44 -2.03 3.47
N TRP A 367 14.93 -1.07 2.70
CA TRP A 367 15.68 -0.49 1.60
C TRP A 367 16.41 0.79 1.99
N LEU A 368 15.91 1.54 2.97
CA LEU A 368 16.55 2.80 3.33
C LEU A 368 18.01 2.63 3.72
N PRO A 369 18.39 1.65 4.54
CA PRO A 369 19.82 1.51 4.89
C PRO A 369 20.73 1.47 3.69
N LEU A 370 20.40 0.67 2.68
CA LEU A 370 21.21 0.63 1.46
C LEU A 370 21.26 2.01 0.81
N HIS A 371 20.10 2.67 0.68
CA HIS A 371 20.07 4.01 0.11
C HIS A 371 20.91 4.96 0.93
N ILE A 372 20.77 4.92 2.25
CA ILE A 372 21.44 5.89 3.11
C ILE A 372 22.96 5.70 3.02
N ILE A 373 23.41 4.45 2.93
CA ILE A 373 24.84 4.20 2.76
C ILE A 373 25.33 4.78 1.44
N ASN A 374 24.55 4.62 0.37
CA ASN A 374 24.91 5.23 -0.90
C ASN A 374 25.10 6.73 -0.75
N CYS A 375 24.19 7.39 -0.03
CA CYS A 375 24.32 8.83 0.18
C CYS A 375 25.62 9.17 0.88
N PHE A 376 26.09 8.31 1.77
CA PHE A 376 27.35 8.58 2.46
C PHE A 376 28.53 8.39 1.52
N THR A 377 28.55 7.30 0.75
CA THR A 377 29.59 7.13 -0.26
C THR A 377 29.64 8.32 -1.20
N PHE A 378 28.47 8.84 -1.57
CA PHE A 378 28.38 9.88 -2.59
C PHE A 378 28.69 11.26 -2.02
N PHE A 379 27.99 11.65 -0.96
CA PHE A 379 28.09 13.02 -0.46
C PHE A 379 29.34 13.22 0.40
N CYS A 380 29.83 12.17 1.05
CA CYS A 380 30.99 12.31 1.92
C CYS A 380 32.19 11.56 1.37
N PRO A 381 32.89 12.12 0.37
CA PRO A 381 34.11 11.47 -0.11
C PRO A 381 35.22 11.46 0.94
N ASP A 382 35.13 12.30 1.97
CA ASP A 382 36.08 12.27 3.07
C ASP A 382 35.72 11.24 4.13
N CYS A 383 34.53 10.65 4.05
CA CYS A 383 34.15 9.56 4.95
C CYS A 383 34.69 8.24 4.40
N SER A 384 35.30 7.45 5.27
CA SER A 384 35.74 6.11 4.87
C SER A 384 34.52 5.30 4.44
N HIS A 385 34.67 4.61 3.31
CA HIS A 385 33.55 3.83 2.77
C HIS A 385 33.03 2.86 3.83
N ALA A 386 31.70 2.70 3.85
CA ALA A 386 31.10 1.73 4.75
C ALA A 386 31.79 0.38 4.58
N PRO A 387 31.95 -0.39 5.65
CA PRO A 387 32.70 -1.66 5.55
C PRO A 387 31.95 -2.69 4.72
N LEU A 388 32.73 -3.63 4.18
CA LEU A 388 32.14 -4.66 3.32
C LEU A 388 31.07 -5.45 4.06
N TRP A 389 31.30 -5.77 5.34
CA TRP A 389 30.31 -6.54 6.08
C TRP A 389 29.01 -5.78 6.23
N LEU A 390 29.08 -4.46 6.37
CA LEU A 390 27.86 -3.66 6.46
C LEU A 390 27.22 -3.50 5.09
N MET A 391 28.02 -3.40 4.03
CA MET A 391 27.46 -3.30 2.68
C MET A 391 26.59 -4.52 2.37
N TYR A 392 27.12 -5.71 2.63
CA TYR A 392 26.37 -6.93 2.32
C TYR A 392 25.32 -7.25 3.36
N LEU A 393 25.46 -6.72 4.58
CA LEU A 393 24.35 -6.79 5.52
C LEU A 393 23.17 -5.94 5.05
N ALA A 394 23.46 -4.77 4.48
CA ALA A 394 22.40 -3.93 3.93
C ALA A 394 21.79 -4.57 2.69
N ILE A 395 22.61 -5.16 1.83
CA ILE A 395 22.09 -5.86 0.67
C ILE A 395 21.15 -6.99 1.10
N VAL A 396 21.61 -7.80 2.06
CA VAL A 396 20.79 -8.90 2.57
C VAL A 396 19.49 -8.36 3.15
N LEU A 397 19.57 -7.31 3.96
CA LEU A 397 18.38 -6.71 4.54
C LEU A 397 17.40 -6.28 3.45
N SER A 398 17.89 -5.68 2.38
CA SER A 398 17.01 -5.23 1.31
C SER A 398 16.30 -6.41 0.66
N HIS A 399 16.98 -7.55 0.55
CA HIS A 399 16.34 -8.73 -0.04
C HIS A 399 15.34 -9.36 0.91
N THR A 400 15.55 -9.20 2.23
CA THR A 400 14.60 -9.76 3.19
C THR A 400 13.21 -9.15 3.07
N ASN A 401 13.10 -7.95 2.50
CA ASN A 401 11.79 -7.36 2.29
C ASN A 401 10.92 -8.24 1.40
N SER A 402 11.53 -8.98 0.48
CA SER A 402 10.78 -9.90 -0.37
C SER A 402 10.25 -11.11 0.39
N VAL A 403 10.59 -11.25 1.67
CA VAL A 403 10.09 -12.35 2.49
C VAL A 403 8.97 -11.92 3.43
N VAL A 404 8.89 -10.63 3.78
CA VAL A 404 8.03 -10.22 4.88
C VAL A 404 6.58 -10.03 4.44
N ASN A 405 6.34 -9.60 3.20
CA ASN A 405 4.98 -9.28 2.78
C ASN A 405 3.99 -10.42 3.02
N PRO A 406 4.27 -11.66 2.60
CA PRO A 406 3.32 -12.75 2.89
C PRO A 406 3.01 -12.90 4.36
N PHE A 407 3.93 -12.49 5.25
CA PHE A 407 3.67 -12.62 6.68
C PHE A 407 2.68 -11.56 7.17
N ILE A 408 2.85 -10.31 6.71
CA ILE A 408 1.91 -9.27 7.10
C ILE A 408 0.50 -9.64 6.66
N TYR A 409 0.37 -10.25 5.47
CA TYR A 409 -0.94 -10.67 5.02
C TYR A 409 -1.50 -11.77 5.91
N ALA A 410 -0.66 -12.76 6.26
CA ALA A 410 -1.12 -13.88 7.07
C ALA A 410 -1.49 -13.46 8.50
N TYR A 411 -1.00 -12.33 8.97
CA TYR A 411 -1.28 -11.85 10.32
C TYR A 411 -2.38 -10.80 10.38
N ARG A 412 -2.51 -9.97 9.34
CA ARG A 412 -3.42 -8.83 9.35
C ARG A 412 -4.70 -9.09 8.59
N ILE A 413 -4.61 -9.58 7.36
CA ILE A 413 -5.78 -9.80 6.52
C ILE A 413 -6.32 -11.20 6.81
N ARG A 414 -7.50 -11.27 7.43
CA ARG A 414 -8.10 -12.56 7.74
C ARG A 414 -8.32 -13.39 6.47
N GLU A 415 -8.72 -12.73 5.38
CA GLU A 415 -9.00 -13.44 4.14
C GLU A 415 -7.77 -14.19 3.65
N PHE A 416 -6.61 -13.51 3.65
CA PHE A 416 -5.38 -14.18 3.24
C PHE A 416 -4.99 -15.26 4.22
N ARG A 417 -5.12 -14.99 5.52
CA ARG A 417 -4.76 -15.99 6.52
C ARG A 417 -5.58 -17.26 6.35
N GLN A 418 -6.91 -17.13 6.27
CA GLN A 418 -7.76 -18.29 6.12
C GLN A 418 -7.47 -19.04 4.83
N THR A 419 -7.11 -18.33 3.76
CA THR A 419 -6.78 -19.00 2.51
C THR A 419 -5.43 -19.68 2.57
N PHE A 420 -4.50 -19.14 3.38
CA PHE A 420 -3.21 -19.82 3.55
C PHE A 420 -3.37 -21.11 4.34
N ARG A 421 -4.14 -21.08 5.43
CA ARG A 421 -4.36 -22.29 6.20
C ARG A 421 -5.13 -23.33 5.39
N LYS A 422 -5.97 -22.89 4.45
CA LYS A 422 -6.70 -23.83 3.61
C LYS A 422 -5.81 -24.42 2.53
N ILE A 423 -4.96 -23.61 1.92
CA ILE A 423 -4.05 -24.10 0.88
C ILE A 423 -3.04 -25.08 1.48
N ILE A 424 -2.58 -24.80 2.70
CA ILE A 424 -1.51 -25.59 3.29
C ILE A 424 -2.08 -26.88 3.90
N ARG A 425 -3.22 -26.78 4.60
CA ARG A 425 -3.85 -27.98 5.14
C ARG A 425 -4.23 -28.95 4.03
N SER A 426 -4.68 -28.42 2.89
CA SER A 426 -5.13 -29.28 1.80
C SER A 426 -3.97 -29.88 1.03
N HIS A 427 -3.00 -29.04 0.62
CA HIS A 427 -1.90 -29.50 -0.20
C HIS A 427 -0.65 -29.76 0.65
N VAL A 428 0.31 -28.83 0.64
CA VAL A 428 1.54 -28.99 1.41
C VAL A 428 1.19 -29.21 2.89
C1 ZMA B . 31.78 -4.09 -2.56
C2 ZMA B . 33.07 -3.60 -2.47
C3 ZMA B . 33.28 -2.25 -2.23
O4 ZMA B . 34.60 -1.75 -2.14
C5 ZMA B . 32.22 -1.40 -2.06
C6 ZMA B . 30.92 -1.88 -2.15
C7 ZMA B . 30.71 -3.23 -2.38
C8 ZMA B . 29.28 -3.77 -2.49
C9 ZMA B . 28.82 -3.67 -3.94
N10 ZMA B . 27.40 -3.94 -4.01
C11 ZMA B . 26.45 -2.85 -3.90
N12 ZMA B . 25.16 -3.07 -4.11
N13 ZMA B . 26.87 -1.63 -3.58
C14 ZMA B . 26.00 -0.64 -3.48
N15 ZMA B . 26.46 0.70 -3.14
N16 ZMA B . 24.70 -0.87 -3.69
N17 ZMA B . 23.62 -0.03 -3.65
C18 ZMA B . 24.29 -2.06 -4.00
N19 ZMA B . 22.94 -2.01 -4.16
C20 ZMA B . 22.56 -0.75 -3.93
C21 ZMA B . 21.23 -0.38 -4.02
C22 ZMA B . 20.20 -1.12 -4.55
C23 ZMA B . 19.06 -0.39 -4.42
C24 ZMA B . 19.38 0.79 -3.80
O25 ZMA B . 20.72 0.80 -3.55
H1 ZMA B . 31.64 -4.99 -2.72
H2 ZMA B . 33.80 -4.17 -2.58
HO4 ZMA B . 34.61 -0.95 -2.42
H5 ZMA B . 32.35 -0.49 -1.90
H6 ZMA B . 30.20 -1.30 -2.04
H8 ZMA B . 28.70 -3.25 -1.92
H8A ZMA B . 29.27 -4.70 -2.21
H9 ZMA B . 29.30 -4.31 -4.48
H9A ZMA B . 29.00 -2.77 -4.28
HN10 ZMA B . 27.13 -4.74 -4.13
HN15 ZMA B . 27.23 0.97 -3.39
HN1A ZMA B . 25.95 1.22 -2.69
H22 ZMA B . 20.27 -1.97 -4.93
H23 ZMA B . 18.21 -0.65 -4.70
H24 ZMA B . 18.78 1.47 -3.59
C1 CLR C . 27.65 -12.83 -18.52
C2 CLR C . 29.07 -12.27 -18.63
C3 CLR C . 29.24 -11.56 -19.96
C4 CLR C . 28.23 -10.41 -20.05
C5 CLR C . 26.81 -10.91 -19.87
C6 CLR C . 25.86 -10.57 -20.75
C7 CLR C . 24.43 -10.98 -20.65
C8 CLR C . 24.06 -11.58 -19.30
C9 CLR C . 25.18 -12.49 -18.79
C10 CLR C . 26.54 -11.76 -18.64
C11 CLR C . 24.74 -13.23 -17.52
C12 CLR C . 23.39 -13.95 -17.64
C13 CLR C . 22.28 -13.01 -18.09
C14 CLR C . 22.77 -12.37 -19.40
C15 CLR C . 21.54 -11.69 -19.97
C16 CLR C . 20.40 -12.66 -19.61
C17 CLR C . 20.96 -13.67 -18.57
C18 CLR C . 21.97 -11.95 -17.02
C19 CLR C . 26.58 -10.85 -17.40
C20 CLR C . 19.89 -14.09 -17.55
C21 CLR C . 20.44 -14.99 -16.45
C22 CLR C . 18.72 -14.77 -18.28
C23 CLR C . 17.79 -15.62 -17.41
C24 CLR C . 16.52 -16.01 -18.16
C25 CLR C . 15.26 -15.25 -17.71
C26 CLR C . 14.26 -15.19 -18.87
C27 CLR C . 14.61 -15.87 -16.48
O1 CLR C . 30.57 -11.09 -20.06
H11 CLR C . 27.52 -13.49 -19.22
H12 CLR C . 27.57 -13.30 -17.68
H21 CLR C . 29.23 -11.66 -17.90
H22 CLR C . 29.72 -12.98 -18.56
H3 CLR C . 29.05 -12.18 -20.67
H41 CLR C . 28.30 -9.97 -20.90
H42 CLR C . 28.45 -9.77 -19.37
H6 CLR C . 26.12 -10.13 -21.52
H71 CLR C . 24.25 -11.63 -21.35
H72 CLR C . 23.87 -10.22 -20.86
H8 CLR C . 23.93 -10.84 -18.68
H9 CLR C . 25.30 -13.15 -19.48
H111 CLR C . 24.68 -12.62 -16.78
H112 CLR C . 25.42 -13.88 -17.27
H121 CLR C . 23.16 -14.33 -16.79
H122 CLR C . 23.50 -14.70 -18.24
H14 CLR C . 22.97 -13.11 -19.99
H151 CLR C . 21.60 -11.53 -20.93
H152 CLR C . 21.41 -10.82 -19.57
H161 CLR C . 20.05 -13.12 -20.40
H162 CLR C . 19.64 -12.19 -19.23
H17 CLR C . 21.22 -14.48 -19.05
H181 CLR C . 21.19 -11.42 -17.24
H182 CLR C . 22.71 -11.34 -16.88
H183 CLR C . 21.79 -12.38 -16.17
H191 CLR C . 27.29 -10.20 -17.46
H192 CLR C . 26.72 -11.37 -16.59
H193 CLR C . 25.76 -10.35 -17.30
H20 CLR C . 19.54 -13.28 -17.14
H211 CLR C . 21.17 -14.55 -15.99
H212 CLR C . 20.78 -15.83 -16.79
H213 CLR C . 19.77 -15.20 -15.78
H221 CLR C . 19.07 -15.31 -19.00
H222 CLR C . 18.18 -14.09 -18.71
H231 CLR C . 17.56 -15.12 -16.61
H232 CLR C . 18.25 -16.42 -17.12
H241 CLR C . 16.36 -16.95 -18.05
H242 CLR C . 16.65 -15.85 -19.11
H25 CLR C . 15.52 -14.34 -17.50
H261 CLR C . 13.44 -14.74 -18.59
H262 CLR C . 14.02 -16.08 -19.17
H263 CLR C . 14.62 -14.71 -19.62
H271 CLR C . 15.29 -16.09 -15.82
H272 CLR C . 14.13 -16.68 -16.69
H273 CLR C . 13.98 -15.25 -16.07
H1 CLR C . 31.04 -11.72 -20.40
C1 CLR D . 29.13 5.37 6.62
C2 CLR D . 30.64 5.51 6.42
C3 CLR D . 31.23 6.46 7.44
C4 CLR D . 30.88 5.99 8.85
C5 CLR D . 29.40 5.77 9.03
C6 CLR D . 28.75 6.36 10.04
C7 CLR D . 27.33 6.11 10.41
C8 CLR D . 26.71 4.96 9.62
C9 CLR D . 27.17 5.02 8.16
C10 CLR D . 28.71 4.88 8.01
C11 CLR D . 26.38 4.05 7.27
C12 CLR D . 24.85 4.18 7.43
C13 CLR D . 24.43 3.98 8.88
C14 CLR D . 25.19 5.04 9.69
C15 CLR D . 24.54 5.03 11.06
C16 CLR D . 23.07 4.69 10.78
C17 CLR D . 22.98 4.36 9.26
C18 CLR D . 24.72 2.54 9.36
C19 CLR D . 29.19 3.44 8.22
C20 CLR D . 21.81 3.39 8.96
C21 CLR D . 21.87 2.78 7.56
C22 CLR D . 20.47 4.10 9.18
C23 CLR D . 19.23 3.25 8.93
C24 CLR D . 17.99 3.81 9.62
C25 CLR D . 16.69 3.07 9.35
C26 CLR D . 16.28 3.24 7.88
C27 CLR D . 16.78 1.59 9.69
O1 CLR D . 32.62 6.52 7.24
H11 CLR D . 28.73 6.23 6.45
H12 CLR D . 28.79 4.77 5.93
H21 CLR D . 31.05 4.63 6.50
H22 CLR D . 30.84 5.82 5.52
H3 CLR D . 30.83 7.33 7.30
H41 CLR D . 31.20 6.64 9.50
H42 CLR D . 31.36 5.16 9.02
H6 CLR D . 29.19 7.02 10.52
H71 CLR D . 26.82 6.91 10.28
H72 CLR D . 27.28 5.92 11.36
H8 CLR D . 27.01 4.12 10.02
H9 CLR D . 26.95 5.92 7.85
H111 CLR D . 26.63 3.14 7.47
H112 CLR D . 26.61 4.19 6.34
H121 CLR D . 24.42 3.51 6.87
H122 CLR D . 24.59 5.04 7.09
H14 CLR D . 24.96 5.89 9.29
H151 CLR D . 24.64 5.88 11.52
H152 CLR D . 24.95 4.37 11.64
H161 CLR D . 22.48 5.42 11.01
H162 CLR D . 22.77 3.92 11.29
H17 CLR D . 22.78 5.18 8.78
H181 CLR D . 24.18 2.29 10.13
H182 CLR D . 25.65 2.42 9.60
H183 CLR D . 24.53 1.91 8.66
H191 CLR D . 30.15 3.39 8.33
H192 CLR D . 28.96 2.88 7.46
H193 CLR D . 28.78 3.05 9.01
H20 CLR D . 21.87 2.66 9.60
H211 CLR D . 22.69 2.30 7.42
H212 CLR D . 21.80 3.45 6.87
H213 CLR D . 21.14 2.16 7.41
H221 CLR D . 20.44 4.89 8.62
H222 CLR D . 20.42 4.42 10.10
H231 CLR D . 19.39 2.35 9.25
H232 CLR D . 19.06 3.17 7.97
H241 CLR D . 17.89 4.75 9.37
H242 CLR D . 18.15 3.82 10.58
H25 CLR D . 16.00 3.47 9.90
H261 CLR D . 15.40 2.87 7.71
H262 CLR D . 16.90 2.80 7.28
H263 CLR D . 16.26 4.18 7.64
H271 CLR D . 17.47 1.43 10.34
H272 CLR D . 16.96 1.04 8.92
H273 CLR D . 15.95 1.27 10.07
H1 CLR D . 32.95 7.10 7.78
C1 CLR E . 25.53 14.11 3.73
C2 CLR E . 27.04 14.37 3.74
C3 CLR E . 27.56 14.50 5.16
C4 CLR E . 27.20 13.26 5.96
C5 CLR E . 25.73 12.96 5.91
C6 CLR E . 25.05 12.73 7.04
C7 CLR E . 23.59 12.41 7.10
C8 CLR E . 23.04 11.94 5.76
C9 CLR E . 23.54 12.88 4.65
C10 CLR E . 25.09 12.87 4.54
C11 CLR E . 22.82 12.61 3.32
C12 CLR E . 21.29 12.56 3.43
C13 CLR E . 20.84 11.53 4.46
C14 CLR E . 21.52 11.93 5.78
C15 CLR E . 20.83 11.08 6.84
C16 CLR E . 19.37 11.00 6.34
C17 CLR E . 19.34 11.57 4.89
C18 CLR E . 21.21 10.11 4.02
C19 CLR E . 25.62 11.59 3.84
C20 CLR E . 18.28 10.89 4.01
C21 CLR E . 18.40 11.25 2.54
C22 CLR E . 16.88 11.22 4.53
C23 CLR E . 15.76 10.29 4.04
C24 CLR E . 14.39 10.76 4.52
C25 CLR E . 13.60 9.74 5.34
C26 CLR E . 13.15 8.58 4.46
C27 CLR E . 14.38 9.22 6.54
O1 CLR E . 28.95 14.71 5.10
H11 CLR E . 25.08 14.89 4.10
H12 CLR E . 25.24 14.02 2.82
H21 CLR E . 27.48 13.65 3.28
H22 CLR E . 27.24 15.18 3.24
H3 CLR E . 27.12 15.26 5.57
H41 CLR E . 27.49 13.35 6.88
H42 CLR E . 27.71 12.51 5.59
H6 CLR E . 25.53 12.60 7.83
H71 CLR E . 23.10 13.19 7.41
H72 CLR E . 23.44 11.73 7.78
H8 CLR E . 23.37 11.04 5.59
H9 CLR E . 23.30 13.76 4.93
H111 CLR E . 23.13 11.78 2.94
H112 CLR E . 23.06 13.30 2.68
H121 CLR E . 20.92 12.33 2.57
H122 CLR E . 20.97 13.45 3.64
H14 CLR E . 21.25 12.84 5.94
H151 CLR E . 20.89 11.48 7.72
H152 CLR E . 21.23 10.21 6.90
H161 CLR E . 18.77 11.49 6.91
H162 CLR E . 19.06 10.08 6.33
H17 CLR E . 19.12 12.51 4.94
H181 CLR E . 20.76 9.41 4.54
H182 CLR E . 22.16 9.94 4.09
H183 CLR E . 20.97 9.95 3.10
H191 CLR E . 26.55 11.42 4.05
H192 CLR E . 25.55 11.67 2.88
H193 CLR E . 25.12 10.81 4.12
H20 CLR E . 18.40 9.92 4.10
H211 CLR E . 18.58 12.20 2.43
H212 CLR E . 17.58 11.05 2.05
H213 CLR E . 19.11 10.76 2.10
H221 CLR E . 16.66 12.13 4.28
H222 CLR E . 16.87 11.20 5.50
H231 CLR E . 15.93 9.40 4.37
H232 CLR E . 15.77 10.24 3.08
H241 CLR E . 13.86 11.02 3.75
H242 CLR E . 14.50 11.56 5.05
H25 CLR E . 12.80 10.18 5.67
H261 CLR E . 12.76 7.86 4.99
H262 CLR E . 13.88 8.21 3.96
H263 CLR E . 12.47 8.86 3.84
H271 CLR E . 14.95 9.92 6.91
H272 CLR E . 14.95 8.47 6.32
H273 CLR E . 13.78 8.93 7.25
H1 CLR E . 29.25 14.77 5.89
C1 OLA F . 32.18 -16.54 -11.02
O1 OLA F . 33.14 -16.42 -10.23
O2 OLA F . 32.25 -16.02 -12.16
C2 OLA F . 30.95 -17.31 -10.60
C3 OLA F . 29.70 -16.50 -10.95
C4 OLA F . 28.64 -16.62 -9.86
C5 OLA F . 28.10 -18.05 -9.80
C6 OLA F . 26.61 -18.07 -10.06
C7 OLA F . 25.80 -17.69 -8.83
C8 OLA F . 24.36 -18.11 -9.01
C9 OLA F . 23.69 -18.25 -7.66
C10 OLA F . 22.96 -19.46 -7.24
C11 OLA F . 22.45 -20.48 -8.21
C12 OLA F . 20.93 -20.42 -8.26
C13 OLA F . 20.44 -20.88 -9.63
C14 OLA F . 18.94 -21.17 -9.60
C15 OLA F . 18.12 -19.88 -9.53
C16 OLA F . 16.66 -20.16 -9.20
C17 OLA F . 16.06 -21.18 -10.17
C18 OLA F . 14.55 -21.24 -10.04
H21 OLA F . 30.98 -17.51 -9.52
H22 OLA F . 30.93 -18.27 -11.12
H31 OLA F . 29.30 -16.86 -11.89
H32 OLA F . 29.97 -15.46 -11.08
H41 OLA F . 27.82 -15.94 -10.06
H42 OLA F . 29.07 -16.35 -8.89
H51 OLA F . 28.31 -18.48 -8.81
H52 OLA F . 28.61 -18.67 -10.54
H61 OLA F . 26.33 -19.08 -10.36
H62 OLA F . 26.37 -17.41 -10.89
H71 OLA F . 25.86 -16.61 -8.69
H72 OLA F . 26.23 -18.16 -7.95
H81 OLA F . 24.33 -19.06 -9.55
H82 OLA F . 23.82 -17.37 -9.60
H9 OLA F . 23.70 -17.38 -7.00
H10 OLA F . 22.95 -19.70 -6.17
H111 OLA F . 22.75 -21.47 -7.88
H112 OLA F . 22.84 -20.33 -9.22
H121 OLA F . 20.61 -19.39 -8.07
H122 OLA F . 20.51 -21.05 -7.48
H131 OLA F . 20.97 -21.77 -9.93
H132 OLA F . 20.64 -20.09 -10.36
H141 OLA F . 18.70 -21.80 -8.75
H142 OLA F . 18.67 -21.71 -10.51
H151 OLA F . 18.20 -19.36 -10.48
H152 OLA F . 18.54 -19.23 -8.75
H161 OLA F . 16.09 -19.24 -9.27
H162 OLA F . 16.58 -20.53 -8.19
H171 OLA F . 16.47 -22.17 -9.96
H172 OLA F . 16.33 -20.92 -11.19
H181 OLA F . 14.13 -21.83 -10.86
H182 OLA F . 14.14 -20.23 -10.07
H183 OLA F . 14.28 -21.70 -9.08
C1 OLA G . 32.88 1.98 10.20
O1 OLA G . 33.96 1.55 10.67
O2 OLA G . 32.86 2.38 9.01
C2 OLA G . 31.64 2.04 11.05
C3 OLA G . 31.07 0.62 11.23
C4 OLA G . 29.56 0.62 11.14
C5 OLA G . 28.94 1.39 12.30
C6 OLA G . 27.77 0.64 12.93
C7 OLA G . 26.49 0.84 12.12
C8 OLA G . 25.43 -0.19 12.48
C9 OLA G . 25.87 -1.55 11.97
C10 OLA G . 25.05 -2.75 12.20
C11 OLA G . 23.60 -2.65 12.62
C12 OLA G . 23.27 -3.81 13.56
C13 OLA G . 21.77 -4.03 13.69
H21 OLA G . 30.89 2.67 10.56
H22 OLA G . 31.87 2.47 12.02
H31 OLA G . 31.40 0.24 12.19
H32 OLA G . 31.48 -0.02 10.45
H41 OLA G . 29.20 -0.41 11.17
H42 OLA G . 29.24 1.06 10.20
H51 OLA G . 28.59 2.37 11.95
H52 OLA G . 29.70 1.57 13.06
H61 OLA G . 27.61 1.00 13.94
H62 OLA G . 28.01 -0.42 12.98
H71 OLA G . 26.71 0.78 11.06
H72 OLA G . 26.09 1.84 12.32
H81 OLA G . 24.47 0.08 12.04
H82 OLA G . 25.31 -0.24 13.56
H9 OLA G . 26.66 -1.58 11.21
H10 OLA G . 25.55 -3.72 12.23
H111 OLA G . 22.97 -2.71 11.74
H112 OLA G . 23.41 -1.71 13.12
H121 OLA G . 23.68 -3.60 14.55
H122 OLA G . 23.74 -4.72 13.20
H131 OLA G . 21.28 -3.81 12.72
H132 OLA G . 21.36 -3.33 14.42
C1 OLA H . 28.74 -19.67 -5.92
O1 OLA H . 29.96 -19.66 -6.22
O2 OLA H . 28.01 -18.74 -6.32
C2 OLA H . 28.17 -20.79 -5.09
C3 OLA H . 26.93 -21.36 -5.77
C4 OLA H . 25.70 -21.22 -4.89
C5 OLA H . 24.55 -22.08 -5.41
C6 OLA H . 24.62 -23.51 -4.87
C7 OLA H . 23.24 -24.00 -4.42
C8 OLA H . 22.31 -24.20 -5.61
C9 OLA H . 21.14 -23.25 -5.51
H21 OLA H . 27.91 -20.42 -4.10
H22 OLA H . 28.92 -21.57 -4.97
H31 OLA H . 27.09 -22.42 -5.99
H32 OLA H . 26.76 -20.85 -6.71
H41 OLA H . 25.39 -20.18 -4.87
H42 OLA H . 25.95 -21.51 -3.86
H51 OLA H . 24.58 -22.10 -6.49
H52 OLA H . 23.60 -21.63 -5.10
H61 OLA H . 25.31 -23.56 -4.04
H62 OLA H . 24.99 -24.17 -5.66
H71 OLA H . 22.80 -23.27 -3.73
H72 OLA H . 23.36 -24.94 -3.89
H81 OLA H . 21.94 -25.23 -5.62
H82 OLA H . 22.85 -24.03 -6.53
H9 OLA H . 21.33 -22.18 -5.47
C1 OLA I . 33.01 -20.45 -14.68
O1 OLA I . 32.92 -21.61 -15.14
O2 OLA I . 34.14 -19.96 -14.47
C2 OLA I . 31.77 -19.65 -14.36
C3 OLA I . 30.73 -20.52 -13.66
C4 OLA I . 29.36 -20.48 -14.33
C5 OLA I . 28.29 -19.92 -13.39
C6 OLA I . 26.90 -20.29 -13.87
C7 OLA I . 25.90 -20.37 -12.72
C8 OLA I . 24.71 -21.25 -13.06
C9 OLA I . 23.41 -20.53 -12.76
C10 OLA I . 22.12 -21.21 -12.97
C11 OLA I . 22.01 -22.34 -13.96
C12 OLA I . 20.65 -22.31 -14.65
C13 OLA I . 19.51 -22.75 -13.73
C14 OLA I . 18.34 -21.77 -13.76
C15 OLA I . 17.01 -22.49 -13.67
C16 OLA I . 16.48 -22.88 -15.04
C17 OLA I . 15.08 -23.47 -14.94
H21 OLA I . 31.36 -19.24 -15.29
H22 OLA I . 32.03 -18.81 -13.72
H31 OLA I . 30.63 -20.18 -12.63
H32 OLA I . 31.08 -21.55 -13.63
H41 OLA I . 29.09 -21.49 -14.63
H42 OLA I . 29.39 -19.87 -15.23
H51 OLA I . 28.39 -18.84 -13.35
H52 OLA I . 28.45 -20.32 -12.39
H61 OLA I . 26.92 -21.25 -14.38
H62 OLA I . 26.55 -19.54 -14.59
H71 OLA I . 25.56 -19.35 -12.47
H72 OLA I . 26.40 -20.78 -11.83
H81 OLA I . 24.75 -22.17 -12.48
H82 OLA I . 24.74 -21.51 -14.11
H9 OLA I . 23.43 -19.60 -12.19
H10 OLA I . 21.22 -20.83 -12.47
H111 OLA I . 22.13 -23.30 -13.45
H112 OLA I . 22.79 -22.27 -14.72
H121 OLA I . 20.67 -22.94 -15.53
H122 OLA I . 20.46 -21.28 -14.99
H131 OLA I . 19.88 -22.83 -12.72
H132 OLA I . 19.17 -23.73 -14.04
H141 OLA I . 18.37 -21.19 -14.70
H142 OLA I . 18.44 -21.06 -12.95
H151 OLA I . 16.28 -21.85 -13.18
H152 OLA I . 17.12 -23.40 -13.06
H161 OLA I . 17.15 -23.61 -15.51
H162 OLA I . 16.45 -22.00 -15.69
H171 OLA I . 14.41 -22.74 -14.47
H172 OLA I . 15.11 -24.35 -14.30
C1 OLA J . 30.02 -21.34 -1.77
O1 OLA J . 30.54 -20.43 -1.08
O2 OLA J . 30.46 -21.56 -2.92
C2 OLA J . 28.87 -22.16 -1.23
C3 OLA J . 27.88 -21.25 -0.51
C4 OLA J . 26.46 -21.77 -0.61
C5 OLA J . 26.27 -23.01 0.24
C6 OLA J . 24.88 -23.61 0.04
C7 OLA J . 23.86 -22.97 0.96
C8 OLA J . 22.56 -23.76 1.01
C9 OLA J . 21.51 -22.98 1.76
H21 OLA J . 29.25 -22.91 -0.53
H22 OLA J . 28.37 -22.67 -2.05
H31 OLA J . 27.93 -20.25 -0.95
H32 OLA J . 28.16 -21.16 0.54
H41 OLA J . 26.22 -22.01 -1.65
H42 OLA J . 25.77 -20.99 -0.28
H51 OLA J . 26.41 -22.76 1.30
H52 OLA J . 27.03 -23.75 -0.02
H61 OLA J . 24.92 -24.69 0.24
H62 OLA J . 24.57 -23.47 -1.00
H71 OLA J . 23.64 -21.95 0.62
H72 OLA J . 24.28 -22.88 1.96
H81 OLA J . 22.74 -24.71 1.52
H82 OLA J . 22.22 -23.97 0.00
H9 OLA J . 21.08 -22.08 1.31
C1 OLA K . -5.30 2.87 -9.31
O1 OLA K . -4.42 2.05 -8.98
O2 OLA K . -6.49 2.52 -9.29
C2 OLA K . -4.92 4.28 -9.74
C3 OLA K . -3.62 4.23 -10.55
C4 OLA K . -2.43 4.66 -9.70
C5 OLA K . -1.12 4.21 -10.34
C6 OLA K . 0.07 4.80 -9.61
C7 OLA K . 1.38 4.32 -10.23
H21 OLA K . -4.78 4.90 -8.86
H22 OLA K . -5.71 4.70 -10.34
H31 OLA K . -3.71 4.89 -11.41
H32 OLA K . -3.46 3.21 -10.92
H41 OLA K . -2.53 4.24 -8.70
H42 OLA K . -2.44 5.75 -9.62
H51 OLA K . -1.11 4.50 -11.39
H52 OLA K . -1.07 3.11 -10.29
H61 OLA K . 0.04 4.51 -8.56
H62 OLA K . 0.03 5.88 -9.66
H71 OLA K . 1.42 4.64 -11.27
H72 OLA K . 1.41 3.23 -10.21
C1 OLA L . 32.76 -7.82 11.64
O1 OLA L . 32.65 -7.63 12.87
O2 OLA L . 33.79 -7.40 11.07
C2 OLA L . 31.69 -8.55 10.87
C3 OLA L . 30.33 -8.31 11.53
C4 OLA L . 29.23 -9.08 10.79
C5 OLA L . 27.87 -8.76 11.39
C6 OLA L . 27.09 -10.04 11.68
H21 OLA L . 31.91 -9.62 10.86
H22 OLA L . 31.66 -8.19 9.84
H31 OLA L . 30.10 -7.25 11.52
H32 OLA L . 30.37 -8.65 12.56
H41 OLA L . 29.42 -10.14 10.86
H42 OLA L . 29.24 -8.79 9.74
H51 OLA L . 27.29 -8.14 10.70
H52 OLA L . 27.99 -8.19 12.32
H61 OLA L . 27.69 -10.69 12.33
H62 OLA L . 26.90 -10.57 10.75
C1 OLA M . -2.28 15.92 3.63
O1 OLA M . -3.06 16.02 4.61
O2 OLA M . -2.10 16.91 2.91
C2 OLA M . -1.58 14.61 3.35
C3 OLA M . -0.20 14.61 4.00
C4 OLA M . 0.88 14.96 2.99
C5 OLA M . 2.27 14.65 3.55
C6 OLA M . 3.35 15.34 2.72
C7 OLA M . 4.55 14.42 2.51
C8 OLA M . 5.53 15.02 1.51
H21 OLA M . -1.49 14.47 2.27
H22 OLA M . -2.17 13.78 3.76
H31 OLA M . -0.01 13.62 4.41
H32 OLA M . -0.18 15.32 4.83
H41 OLA M . 0.82 16.02 2.75
H42 OLA M . 0.73 14.39 2.07
H51 OLA M . 2.43 13.58 3.55
H52 OLA M . 2.33 14.99 4.58
H61 OLA M . 3.68 16.25 3.23
H62 OLA M . 2.94 15.63 1.76
H71 OLA M . 4.21 13.45 2.15
H72 OLA M . 5.06 14.27 3.46
H81 OLA M . 5.77 16.04 1.81
H82 OLA M . 5.06 15.07 0.52
C1 OLA N . 10.58 -12.29 7.93
O1 OLA N . 10.42 -12.38 9.17
O2 OLA N . 9.58 -12.32 7.19
C2 OLA N . 11.96 -12.14 7.34
C3 OLA N . 12.89 -13.19 7.92
C4 OLA N . 13.71 -13.89 6.85
C5 OLA N . 15.11 -14.22 7.38
C6 OLA N . 15.87 -15.12 6.43
C7 OLA N . 17.37 -14.86 6.51
H21 OLA N . 12.35 -11.14 7.55
H22 OLA N . 11.90 -12.25 6.25
H31 OLA N . 12.29 -13.93 8.46
H32 OLA N . 13.56 -12.72 8.65
H41 OLA N . 13.80 -13.25 5.97
H42 OLA N . 13.22 -14.81 6.55
H51 OLA N . 15.02 -14.69 8.35
H52 OLA N . 15.67 -13.29 7.51
H61 OLA N . 15.52 -14.96 5.40
H62 OLA N . 15.67 -16.17 6.68
H71 OLA N . 17.70 -14.95 7.54
H72 OLA N . 17.58 -13.85 6.16
C1 OLA O . 3.88 -22.69 -1.21
O1 OLA O . 4.94 -22.05 -1.37
O2 OLA O . 2.86 -22.35 -1.85
C2 OLA O . 3.81 -23.88 -0.26
C3 OLA O . 4.69 -23.62 0.97
C4 OLA O . 3.88 -22.96 2.09
C5 OLA O . 4.79 -22.47 3.20
C6 OLA O . 5.10 -20.98 3.03
C7 OLA O . 6.45 -20.63 3.65
C8 OLA O . 6.55 -19.14 3.91
C9 OLA O . 7.95 -18.66 3.57
C10 OLA O . 8.50 -17.49 4.27
H21 OLA O . 4.15 -24.77 -0.77
H22 OLA O . 2.78 -24.04 0.06
H31 OLA O . 5.53 -22.98 0.70
H32 OLA O . 5.08 -24.57 1.33
H41 OLA O . 3.17 -23.68 2.50
H42 OLA O . 3.32 -22.13 1.68
H51 OLA O . 5.72 -23.03 3.18
H52 OLA O . 4.32 -22.63 4.16
H61 OLA O . 4.31 -20.39 3.51
H62 OLA O . 5.12 -20.73 1.97
H71 OLA O . 7.25 -20.95 2.99
H72 OLA O . 6.57 -21.17 4.60
H81 OLA O . 6.35 -18.93 4.96
H82 OLA O . 5.82 -18.60 3.31
H9 OLA O . 8.41 -18.99 2.63
H10 OLA O . 8.54 -17.48 5.35
C1 OLA P . 32.16 -11.00 0.40
O1 OLA P . 33.22 -11.57 0.76
O2 OLA P . 32.14 -10.42 -0.71
C2 OLA P . 30.93 -11.02 1.27
C3 OLA P . 31.32 -10.82 2.73
C4 OLA P . 30.16 -10.19 3.51
C5 OLA P . 30.20 -10.52 4.99
C6 OLA P . 28.84 -11.03 5.46
C7 OLA P . 27.77 -9.95 5.32
C8 OLA P . 26.58 -10.25 6.22
C9 OLA P . 25.74 -11.35 5.61
C10 OLA P . 24.63 -11.93 6.38
C11 OLA P . 24.91 -12.55 7.73
C12 OLA P . 23.61 -12.82 8.48
C13 OLA P . 22.93 -11.53 8.89
C14 OLA P . 21.68 -11.27 8.07
C15 OLA P . 20.51 -12.11 8.58
C16 OLA P . 19.32 -12.01 7.63
H21 OLA P . 30.41 -11.96 1.16
H22 OLA P . 30.26 -10.23 0.96
H31 OLA P . 32.20 -10.19 2.80
H32 OLA P . 31.58 -11.79 3.17
H41 OLA P . 29.22 -10.54 3.08
H42 OLA P . 30.20 -9.10 3.38
H51 OLA P . 30.46 -9.63 5.56
H52 OLA P . 30.95 -11.28 5.18
H61 OLA P . 28.91 -11.34 6.50
H62 OLA P . 28.56 -11.90 4.87
H71 OLA P . 27.44 -9.90 4.28
H72 OLA P . 28.19 -8.99 5.57
H81 OLA P . 25.97 -9.35 6.32
H82 OLA P . 26.92 -10.54 7.21
H9 OLA P . 25.85 -11.61 4.56
H10 OLA P . 23.69 -12.15 5.88
H111 OLA P . 25.54 -11.89 8.32
H112 OLA P . 25.45 -13.48 7.59
H121 OLA P . 23.82 -13.42 9.36
H122 OLA P . 22.95 -13.39 7.83
H131 OLA P . 23.63 -10.70 8.76
H132 OLA P . 22.67 -11.58 9.95
H141 OLA P . 21.87 -11.51 7.03
H142 OLA P . 21.42 -10.21 8.13
H151 OLA P . 20.22 -11.76 9.57
H152 OLA P . 20.82 -13.15 8.66
H161 OLA P . 19.61 -12.36 6.64
H162 OLA P . 19.02 -10.97 7.53
C1 OLA Q . -4.57 4.19 -23.96
O1 OLA Q . -5.59 4.50 -23.31
O2 OLA Q . -4.67 3.37 -24.90
C2 OLA Q . -3.23 4.78 -23.61
C3 OLA Q . -2.15 3.71 -23.67
C4 OLA Q . -0.76 4.29 -23.41
C5 OLA Q . -0.68 4.94 -22.04
C6 OLA Q . 0.78 5.12 -21.60
C7 OLA Q . 0.90 6.15 -20.48
C8 OLA Q . 2.12 7.05 -20.72
C9 OLA Q . 3.39 6.29 -20.46
C10 OLA Q . 4.12 5.68 -21.59
C11 OLA Q . 5.18 4.64 -21.31
C12 OLA Q . 4.53 3.30 -20.97
C13 OLA Q . 4.34 2.44 -22.21
C14 OLA Q . 3.09 1.56 -22.07
C15 OLA Q . 3.21 0.30 -22.92
C16 OLA Q . 1.85 -0.19 -23.42
C17 OLA Q . 0.92 -0.57 -22.28
C18 OLA Q . -0.30 0.34 -22.24
H21 OLA Q . -3.27 5.21 -22.61
H22 OLA Q . -2.99 5.58 -24.31
H31 OLA Q . -2.16 3.24 -24.66
H32 OLA Q . -2.36 2.94 -22.92
H41 OLA Q . -0.53 5.03 -24.17
H42 OLA Q . -0.02 3.49 -23.47
H51 OLA Q . -1.20 4.32 -21.30
H52 OLA Q . -1.18 5.90 -22.07
H61 OLA Q . 1.36 5.46 -22.46
H62 OLA Q . 1.18 4.17 -21.26
H71 OLA Q . 1.02 5.64 -19.53
H72 OLA Q . 0.00 6.76 -20.42
H81 OLA Q . 2.06 7.91 -20.05
H82 OLA Q . 2.10 7.42 -21.75
H9 OLA Q . 3.81 6.25 -19.45
H10 OLA Q . 4.08 6.16 -22.57
H111 OLA Q . 5.80 4.97 -20.48
H112 OLA Q . 5.82 4.54 -22.18
H121 OLA Q . 3.57 3.48 -20.50
H122 OLA Q . 5.17 2.77 -20.27
H131 OLA Q . 5.21 1.79 -22.35
H132 OLA Q . 4.25 3.07 -23.09
H141 OLA Q . 2.21 2.12 -22.38
H142 OLA Q . 2.97 1.27 -21.03
H151 OLA Q . 3.68 -0.49 -22.34
H152 OLA Q . 3.86 0.51 -23.78
H161 OLA Q . 2.00 -1.06 -24.07
H162 OLA Q . 1.40 0.59 -24.02
H171 OLA Q . 1.46 -0.51 -21.33
H172 OLA Q . 0.60 -1.60 -22.41
H181 OLA Q . -0.85 0.17 -21.31
H182 OLA Q . -0.94 0.14 -23.10
H183 OLA Q . 0.02 1.39 -22.26
C1 OLA R . 21.95 -2.81 -23.66
O1 OLA R . 22.22 -1.61 -23.42
O2 OLA R . 22.76 -3.48 -24.34
C2 OLA R . 20.67 -3.42 -23.16
C3 OLA R . 19.48 -2.57 -23.59
C4 OLA R . 19.03 -1.61 -22.48
C5 OLA R . 17.61 -1.13 -22.70
C6 OLA R . 16.96 -0.77 -21.36
C7 OLA R . 15.63 -0.06 -21.56
C8 OLA R . 14.47 -1.04 -21.65
C9 OLA R . 13.17 -0.29 -21.60
C10 OLA R . 11.91 -1.01 -21.41
C11 OLA R . 11.78 -2.44 -21.87
C12 OLA R . 10.34 -2.91 -21.67
C13 OLA R . 10.20 -4.41 -21.92
C14 OLA R . 9.67 -5.14 -20.70
C15 OLA R . 8.16 -4.94 -20.56
C16 OLA R . 7.67 -5.28 -19.15
C17 OLA R . 7.78 -6.78 -18.87
C18 OLA R . 7.14 -7.12 -17.52
H21 OLA R . 20.70 -3.50 -22.07
H22 OLA R . 20.56 -4.42 -23.56
H31 OLA R . 18.64 -3.23 -23.85
H32 OLA R . 19.75 -2.00 -24.48
H41 OLA R . 19.70 -0.75 -22.47
H42 OLA R . 19.10 -2.11 -21.52
H51 OLA R . 17.02 -1.91 -23.19
H52 OLA R . 17.61 -0.26 -23.35
H61 OLA R . 17.63 -0.13 -20.80
H62 OLA R . 16.80 -1.69 -20.79
H71 OLA R . 15.67 0.54 -22.47
H72 OLA R . 15.46 0.63 -20.73
H81 OLA R . 14.53 -1.75 -20.82
H82 OLA R . 14.54 -1.61 -22.58
H9 OLA R . 13.19 0.78 -21.41
H10 OLA R . 11.01 -0.45 -21.13
H111 OLA R . 12.46 -3.07 -21.29
H112 OLA R . 12.05 -2.52 -22.92
H121 OLA R . 9.69 -2.37 -22.34
H122 OLA R . 10.02 -2.69 -20.65
H131 OLA R . 11.17 -4.82 -22.19
H132 OLA R . 9.52 -4.57 -22.77
H141 OLA R . 10.17 -4.77 -19.80
H142 OLA R . 9.88 -6.21 -20.79
H151 OLA R . 7.64 -5.57 -21.28
H152 OLA R . 7.91 -3.90 -20.78
H161 OLA R . 6.64 -4.97 -19.04
H162 OLA R . 8.27 -4.74 -18.42
H171 OLA R . 8.83 -7.07 -18.86
H172 OLA R . 7.28 -7.34 -19.66
H181 OLA R . 7.33 -8.17 -17.29
H182 OLA R . 6.07 -6.94 -17.58
H183 OLA R . 7.59 -6.49 -16.75
C1 OLA S . 31.78 -21.17 -9.64
O1 OLA S . 32.66 -20.61 -8.94
O2 OLA S . 32.12 -22.07 -10.44
C2 OLA S . 30.33 -20.79 -9.49
C3 OLA S . 29.49 -22.01 -9.12
C4 OLA S . 28.04 -21.80 -9.53
C5 OLA S . 27.20 -23.05 -9.23
C6 OLA S . 25.71 -22.77 -9.38
C7 OLA S . 24.90 -24.00 -8.99
C8 OLA S . 23.51 -24.01 -9.62
C9 OLA S . 22.80 -25.27 -9.19
C10 OLA S . 21.56 -25.70 -9.85
C11 OLA S . 20.42 -24.74 -10.03
C12 OLA S . 19.11 -25.54 -10.13
C13 OLA S . 17.97 -24.67 -10.62
H21 OLA S . 29.97 -20.36 -10.42
H22 OLA S . 30.22 -20.02 -8.71
H31 OLA S . 29.55 -22.18 -8.05
H32 OLA S . 29.89 -22.89 -9.63
H41 OLA S . 27.99 -21.59 -10.60
H42 OLA S . 27.62 -20.95 -8.99
H51 OLA S . 27.41 -23.38 -8.21
H52 OLA S . 27.50 -23.85 -9.91
H61 OLA S . 25.50 -22.51 -10.42
H62 OLA S . 25.43 -21.93 -8.75
H71 OLA S . 24.80 -24.01 -7.91
H72 OLA S . 25.44 -24.90 -9.28
H81 OLA S . 23.60 -23.97 -10.70
H82 OLA S . 22.95 -23.14 -9.30
H9 OLA S . 23.15 -25.79 -8.29
H10 OLA S . 21.52 -26.69 -10.33
H111 OLA S . 20.57 -24.17 -10.95
H112 OLA S . 20.37 -24.05 -9.20
H121 OLA S . 18.87 -25.93 -9.15
H122 OLA S . 19.25 -26.38 -10.81
H131 OLA S . 18.35 -23.84 -11.22
H132 OLA S . 17.44 -24.24 -9.77
C1 OLA T . -4.91 -24.63 -11.63
O1 OLA T . -5.11 -25.06 -10.48
O2 OLA T . -5.82 -23.99 -12.20
C2 OLA T . -3.59 -24.88 -12.33
C3 OLA T . -2.61 -23.75 -12.07
C4 OLA T . -3.02 -22.46 -12.77
C5 OLA T . -2.42 -21.25 -12.06
C6 OLA T . -1.75 -20.29 -13.05
C7 OLA T . -1.50 -18.93 -12.41
C8 OLA T . -0.43 -19.01 -11.33
C9 OLA T . -1.07 -18.96 -9.97
C10 OLA T . -0.27 -18.53 -8.82
C11 OLA T . 0.86 -19.40 -8.32
C12 OLA T . 2.16 -18.60 -8.33
C13 OLA T . 3.27 -19.41 -8.99
C14 OLA T . 4.46 -18.52 -9.33
C15 OLA T . 5.60 -19.34 -9.94
C16 OLA T . 6.93 -18.64 -9.77
C17 OLA T . 8.07 -19.45 -10.37
H21 OLA T . -3.75 -24.99 -13.40
H22 OLA T . -3.16 -25.82 -11.96
H31 OLA T . -1.61 -24.04 -12.40
H32 OLA T . -2.54 -23.57 -11.00
H41 OLA T . -4.10 -22.37 -12.80
H42 OLA T . -2.66 -22.48 -13.80
H51 OLA T . -1.69 -21.57 -11.32
H52 OLA T . -3.21 -20.71 -11.53
H61 OLA T . -2.39 -20.17 -13.92
H62 OLA T . -0.80 -20.72 -13.37
H71 OLA T . -2.43 -18.56 -11.97
H72 OLA T . -1.19 -18.22 -13.18
H81 OLA T . 0.27 -18.18 -11.44
H82 OLA T . 0.14 -19.94 -11.44
H9 OLA T . -2.04 -19.41 -9.82
H10 OLA T . -0.53 -17.62 -8.28
H111 OLA T . 0.95 -20.29 -8.93
H112 OLA T . 0.65 -19.71 -7.29
H121 OLA T . 2.45 -18.34 -7.31
H122 OLA T . 2.01 -17.67 -8.88
H131 OLA T . 2.90 -19.87 -9.90
H132 OLA T . 3.60 -20.21 -8.31
H141 OLA T . 4.82 -18.01 -8.43
H142 OLA T . 4.16 -17.76 -10.04
H151 OLA T . 5.40 -19.49 -11.00
H152 OLA T . 5.63 -20.33 -9.46
H161 OLA T . 7.12 -18.49 -8.70
H162 OLA T . 6.89 -17.66 -10.24
H171 OLA T . 7.86 -19.61 -11.43
H172 OLA T . 8.12 -20.42 -9.88
C10 OLC U . 12.26 14.11 -1.38
C11 OLC U . 13.54 14.17 -1.80
C8 OLC U . 14.67 14.62 -2.78
C24 OLC U . 26.15 17.64 -3.54
C7 OLC U . 15.36 15.89 -2.22
C6 OLC U . 16.86 15.89 -2.65
C5 OLC U . 17.37 17.36 -2.72
C4 OLC U . 18.92 17.37 -2.58
C3 OLC U . 19.52 18.40 -3.59
C2 OLC U . 20.83 19.02 -3.01
C21 OLC U . 24.27 19.16 -4.19
C1 OLC U . 22.08 18.41 -3.69
C22 OLC U . 25.70 19.10 -3.65
O19 OLC U . 21.97 17.70 -4.63
O25 OLC U . 27.52 17.56 -3.86
O23 OLC U . 26.56 19.78 -4.52
O20 OLC U . 23.37 18.70 -3.20
H10 OLC U . 12.17 13.59 -0.61
H8 OLC U . 14.31 14.81 -3.62
H8A OLC U . 15.30 13.93 -2.85
H24 OLC U . 25.66 17.11 -4.15
H24A OLC U . 26.00 17.32 -2.67
H7 OLC U . 15.31 15.88 -1.28
H7A OLC U . 14.94 16.66 -2.55
H6 OLC U . 16.93 15.50 -3.50
H6A OLC U . 17.36 15.41 -2.03
H5 OLC U . 16.99 17.86 -2.02
H5A OLC U . 17.12 17.73 -3.54
H4 OLC U . 19.26 16.52 -2.77
H4A OLC U . 19.16 17.61 -1.70
H3 OLC U . 18.90 19.10 -3.72
H3A OLC U . 19.70 17.98 -4.40
H2 OLC U . 20.88 18.86 -2.08
H2A OLC U . 20.83 19.94 -3.16
H21 OLC U . 24.20 18.62 -4.95
H21A OLC U . 24.06 20.04 -4.42
H22 OLC U . 25.73 19.49 -2.80
HO25 OLC U . 27.86 16.90 -3.46
HO23 OLC U . 26.11 20.24 -5.04
C10 OLC V . 21.12 -17.68 -12.47
C9 OLC V . 21.82 -16.95 -13.33
C11 OLC V . 19.80 -18.30 -12.98
C8 OLC V . 22.92 -16.07 -14.00
C24 OLC V . 35.67 -16.63 -16.16
C12 OLC V . 18.61 -17.30 -12.87
C7 OLC V . 23.87 -15.19 -13.13
C15 OLC V . 15.34 -18.79 -14.39
C13 OLC V . 17.27 -18.08 -12.91
C6 OLC V . 25.24 -15.91 -13.08
C14 OLC V . 16.83 -18.34 -14.38
C5 OLC V . 26.14 -15.42 -14.26
C4 OLC V . 27.39 -16.34 -14.35
C3 OLC V . 28.65 -15.52 -14.69
C2 OLC V . 29.89 -16.46 -14.68
C21 OLC V . 33.18 -16.73 -15.82
C1 OLC V . 30.91 -16.00 -15.74
C22 OLC V . 34.54 -16.52 -15.13
O19 OLC V . 30.58 -15.86 -16.87
O25 OLC V . 36.84 -17.07 -15.52
O23 OLC V . 34.56 -15.26 -14.53
O20 OLC V . 32.26 -15.76 -15.36
H10 OLC V . 21.26 -17.92 -11.56
H9 OLC V . 22.46 -16.80 -12.68
H11 OLC V . 19.60 -19.10 -12.53
H11A OLC V . 19.93 -18.49 -13.90
H8 OLC V . 22.42 -15.47 -14.51
H8A OLC V . 23.44 -16.58 -14.60
H24 OLC V . 35.82 -15.77 -16.54
H24A OLC V . 35.43 -17.23 -16.83
H12 OLC V . 18.64 -16.70 -13.60
H12A OLC V . 18.68 -16.83 -12.07
H7 OLC V . 23.53 -15.04 -12.28
H7A OLC V . 23.98 -14.37 -13.58
H15 OLC V . 14.81 -18.14 -13.97
H15A OLC V . 15.25 -19.60 -13.92
H13 OLC V . 16.61 -17.58 -12.47
H13A OLC V . 17.37 -18.91 -12.47
H6 OLC V . 25.12 -16.84 -13.16
H6A OLC V . 25.66 -15.73 -12.26
H14 OLC V . 16.92 -17.55 -14.87
H14A OLC V . 17.37 -19.02 -14.75
H5 OLC V . 26.42 -14.54 -14.09
H5A OLC V . 25.67 -15.45 -15.06
H4 OLC V . 27.24 -16.99 -15.01
H4A OLC V . 27.51 -16.78 -13.52
H3 OLC V . 28.78 -14.85 -14.04
H3A OLC V . 28.56 -15.13 -15.54
H2 OLC V . 29.61 -17.35 -14.88
H2A OLC V . 30.29 -16.45 -13.84
H21 OLC V . 32.86 -17.59 -15.63
H21A OLC V . 33.28 -16.64 -16.75
H22 OLC V . 34.65 -17.18 -14.47
HO25 OLC V . 37.50 -16.84 -15.97
HO23 OLC V . 33.81 -14.91 -14.59
C10 OLC W . 8.94 5.03 -21.13
C11 OLC W . 9.37 4.03 -21.92
C8 OLC W . 10.00 2.63 -22.17
C24 OLC W . 21.94 0.20 -25.88
C7 OLC W . 11.47 2.82 -22.62
C6 OLC W . 11.78 1.85 -23.80
C5 OLC W . 13.32 1.79 -24.05
C4 OLC W . 13.72 2.77 -25.19
C3 OLC W . 14.88 2.17 -26.03
C2 OLC W . 16.22 2.44 -25.29
C21 OLC W . 19.47 0.70 -25.78
C1 OLC W . 17.39 1.81 -26.09
C22 OLC W . 20.81 0.85 -25.07
O19 OLC W . 17.19 1.30 -27.14
O25 OLC W . 23.17 0.43 -25.26
O23 OLC W . 21.10 2.21 -24.90
O20 OLC W . 18.70 1.87 -25.57
H10 OLC W . 8.59 5.74 -21.62
H8 OLC W . 9.52 2.19 -22.84
H8A OLC W . 9.98 2.11 -21.38
H24 OLC W . 21.95 0.57 -26.75
H24A OLC W . 21.78 -0.73 -25.95
H7 OLC W . 12.05 2.63 -21.91
H7A OLC W . 11.60 3.70 -22.91
H6 OLC W . 11.34 2.14 -24.57
H6A OLC W . 11.47 0.98 -23.58
H5 OLC W . 13.57 0.92 -24.28
H5A OLC W . 13.77 2.04 -23.27
H4 OLC W . 13.99 3.59 -24.82
H4A OLC W . 12.98 2.92 -25.76
H3 OLC W . 14.89 2.56 -26.87
H3A OLC W . 14.76 1.24 -26.12
H2 OLC W . 16.19 2.07 -24.44
H2A OLC W . 16.36 3.37 -25.23
H21 OLC W . 19.02 -0.05 -25.45
H21A OLC W . 19.62 0.59 -26.70
H22 OLC W . 20.77 0.44 -24.22
HO25 OLC W . 23.77 -0.01 -25.64
HO23 OLC W . 20.43 2.66 -25.12
C1 OLB X . -0.23 -14.62 -11.06
C2 OLB X . 1.13 -14.93 -10.50
C3 OLB X . 2.28 -14.60 -11.44
C4 OLB X . 3.60 -15.15 -10.93
C5 OLB X . 4.76 -14.16 -11.12
O19 OLB X . -0.48 -13.71 -11.81
O20 OLB X . -1.14 -15.48 -10.62
C21 OLB X . -2.09 -15.03 -9.66
C22 OLB X . -3.17 -14.27 -10.41
O23 OLB X . -3.27 -14.68 -11.76
C24 OLB X . -4.48 -14.39 -9.66
O25 OLB X . -5.29 -13.28 -9.97
C6 OLB X . 6.13 -14.77 -10.81
C7 OLB X . 7.27 -13.79 -11.03
C8 OLB X . 8.26 -14.25 -12.10
C9 OLB X . 9.15 -15.36 -11.62
C10 OLB X . 10.47 -15.44 -11.74
C11 OLB X . 11.38 -14.45 -12.40
H2 OLB X . 1.16 -15.87 -10.25
H2A OLB X . 1.24 -14.44 -9.66
H3 OLB X . 2.35 -13.64 -11.55
H3A OLB X . 2.10 -14.96 -12.32
H4 OLB X . 3.82 -15.98 -11.40
H4A OLB X . 3.52 -15.39 -9.99
H5 OLB X . 4.61 -13.41 -10.54
H5A OLB X . 4.75 -13.83 -12.02
H21 OLB X . -1.66 -14.46 -9.00
H21A OLB X . -2.48 -15.79 -9.19
H22 OLB X . -2.92 -13.33 -10.44
HO23 OLB X . -4.01 -14.38 -12.07
H24 OLB X . -4.30 -14.44 -8.70
H24A OLB X . -4.91 -15.22 -9.90
HO25 OLB X . -6.04 -13.38 -9.57
H16 OLB X . 6.27 -15.55 -11.38
H17 OLB X . 6.14 -15.09 -9.90
H18 OLB X . 7.74 -13.65 -10.20
H19 OLB X . 6.91 -12.92 -11.28
H20 OLB X . 8.78 -13.50 -12.41
H211 OLB X . 7.75 -14.57 -12.86
H221 OLB X . 8.71 -16.06 -11.18
H23 OLB X . 10.88 -16.20 -11.40
H25 OLB X . 11.02 -14.21 -13.26
C8 OLC Y . 16.08 14.14 1.13
C24 OLC Y . 28.61 19.15 0.41
C7 OLC Y . 17.06 15.33 1.34
C6 OLC Y . 18.52 14.79 1.41
C5 OLC Y . 19.51 15.86 0.89
C4 OLC Y . 20.94 15.49 1.37
C3 OLC Y . 21.98 16.43 0.69
C2 OLC Y . 23.37 16.19 1.33
C21 OLC Y . 26.67 17.69 1.07
C1 OLC Y . 24.42 17.11 0.65
C22 OLC Y . 27.74 17.95 0.01
O19 OLC Y . 24.08 18.14 0.17
O25 OLC Y . 29.96 18.76 0.46
O23 OLC Y . 28.56 16.81 -0.12
O20 OLC Y . 25.78 16.71 0.60
H8 OLC Y . 16.21 13.51 1.80
H8A OLC Y . 16.24 13.75 0.29
H24 OLC Y . 28.33 19.44 1.27
H24A OLC Y . 28.50 19.84 -0.20
H7 OLC Y . 16.85 15.77 2.15
H7A OLC Y . 16.98 15.94 0.63
H6 OLC Y . 18.58 14.01 0.89
H6A OLC Y . 18.72 14.58 2.31
H5 OLC Y . 19.26 16.70 1.22
H5A OLC Y . 19.48 15.88 -0.05
H4 OLC Y . 21.13 14.60 1.14
H4A OLC Y . 20.99 15.60 2.30
H3 OLC Y . 21.72 17.33 0.81
H3A OLC Y . 22.02 16.24 -0.23
H2 OLC Y . 23.62 15.30 1.22
H2A OLC Y . 23.33 16.40 2.24
H21 OLC Y . 26.21 18.49 1.24
H21A OLC Y . 27.08 17.40 1.86
H22 OLC Y . 27.34 18.12 -0.82
HO25 OLC Y . 30.44 19.44 0.42
HO23 OLC Y . 28.22 16.18 0.30
C18 OLC Z . 10.57 -10.37 -14.42
C17 OLC Z . 11.00 -10.33 -15.69
C8 OLC Z . 9.83 -9.80 -13.18
C24 OLC Z . -2.84 -9.18 -13.17
C16 OLC Z . 11.83 -11.44 -16.38
C7 OLC Z . 8.45 -10.50 -13.10
C15 OLC Z . 13.12 -10.85 -17.02
C13 OLC Z . 15.53 -11.55 -17.42
C6 OLC Z . 7.44 -9.77 -14.01
C14 OLC Z . 14.05 -12.02 -17.42
C5 OLC Z . 6.01 -10.14 -13.58
C4 OLC Z . 5.02 -9.42 -14.53
C3 OLC Z . 3.55 -9.81 -14.21
C2 OLC Z . 3.09 -9.18 -12.88
C21 OLC Z . -0.42 -9.67 -12.70
C1 OLC Z . 1.89 -9.98 -12.31
C22 OLC Z . -1.62 -8.78 -12.34
O19 OLC Z . 1.97 -11.16 -12.18
O25 OLC Z . -3.86 -9.62 -12.30
O23 OLC Z . -1.91 -8.93 -10.97
O20 OLC Z . 0.71 -9.30 -11.95
H18B OLC Z . 10.19 -9.55 -14.61
H17A OLC Z . 10.86 -9.67 -16.32
H8 OLC Z . 9.72 -8.88 -13.26
H8A OLC Z . 10.32 -10.00 -12.41
H24 OLC Z . -2.60 -9.88 -13.76
H24A OLC Z . -3.14 -8.45 -13.66
H16 OLC Z . 11.32 -11.86 -17.04
H16A OLC Z . 12.09 -12.08 -15.74
H7 OLC Z . 8.14 -10.49 -12.21
H7A OLC Z . 8.54 -11.40 -13.38
H15 OLC Z . 13.56 -10.29 -16.40
H15A OLC Z . 12.88 -10.35 -17.78
H13 OLC Z . 15.77 -11.27 -16.56
H13A OLC Z . 15.64 -10.84 -18.02
H6 OLC Z . 7.59 -10.02 -14.91
H6A OLC Z . 7.56 -8.84 -13.94
H14 OLC Z . 13.82 -12.32 -18.29
H14A OLC Z . 13.94 -12.72 -16.81
H5 OLC Z . 5.87 -9.86 -12.69
H5A OLC Z . 5.90 -11.07 -13.65
H4 OLC Z . 5.22 -9.67 -15.42
H4A OLC Z . 5.10 -8.48 -14.47
H3 OLC Z . 3.50 -10.75 -14.15
H3A OLC Z . 3.01 -9.51 -14.91
H2 OLC Z . 2.83 -8.29 -13.04
H2A OLC Z . 3.79 -9.18 -12.25
H21 OLC Z . -0.23 -9.58 -13.62
H21A OLC Z . -0.64 -10.57 -12.52
H22 OLC Z . -1.40 -7.88 -12.51
HO25 OLC Z . -4.51 -9.89 -12.75
HO23 OLC Z . -1.27 -9.33 -10.60
NA NA AA . 20.08 -7.41 -10.26
#